data_7CK2
#
_entry.id   7CK2
#
_cell.length_a   54.360
_cell.length_b   148.530
_cell.length_c   94.090
_cell.angle_alpha   90.000
_cell.angle_beta   103.150
_cell.angle_gamma   90.000
#
_symmetry.space_group_name_H-M   'P 1 21 1'
#
loop_
_entity.id
_entity.type
_entity.pdbx_description
1 polymer 'Cellulose synthase A catalytic subunit 3 [UDP-forming],Cellulose synthase A catalytic subunit 3 [UDP-forming]'
2 non-polymer 'MANGANESE (II) ION'
3 non-polymer "URIDINE-5'-DIPHOSPHATE-GLUCOSE"
4 water water
#
_entity_poly.entity_id   1
_entity_poly.type   'polypeptide(L)'
_entity_poly.pdbx_seq_one_letter_code
;TYLDRLALRYDREGEPSQLAAVDIFVSTVDPLKEPPLVTANTVLSILAVDYPVDKVSCYVSDDGAAMLSFESLAETSEFA
RKWVPFCKKYSIEPRAPEWYFAAKIDYLKDKVQTSFVKDRRAMKREYEEFKIRINALVSKALKCPEEGWVMQDGTPWPGN
NTRDHPGMIQVFLGQNGGLDAEGNELPRLVYVSREKRPGFQHHKKAGAMNALVRVSAVLTNGPFILNLDCDHYINNSKAL
REAMCFLMDPNLGKQVCYVQFPQRFDGIDKNDRYANRNTVFFDINLRGLDGIQGPVYVGTGCVFNRTALYGYEPGSGSGS
LEKRFGQSAVFVASTLMENGGVPPSATPENLLKEAIHVISCGYEDKSDWGMEIGWIYGSVTEDILTGFKMHARGWRSIYC
MPKLPAFKGS
;
_entity_poly.pdbx_strand_id   A,B
#
loop_
_chem_comp.id
_chem_comp.type
_chem_comp.name
_chem_comp.formula
MN non-polymer 'MANGANESE (II) ION' 'Mn 2'
UPG non-polymer URIDINE-5'-DIPHOSPHATE-GLUCOSE 'C15 H24 N2 O17 P2'
#
# COMPACT_ATOMS: atom_id res chain seq x y z
N GLN A 18 7.15 -1.36 -21.36
CA GLN A 18 6.19 -1.47 -22.46
C GLN A 18 4.79 -1.17 -21.90
N LEU A 19 3.75 -1.23 -22.74
CA LEU A 19 2.43 -0.74 -22.39
C LEU A 19 1.48 -1.93 -22.32
N ALA A 20 0.94 -2.20 -21.15
CA ALA A 20 0.01 -3.30 -20.96
C ALA A 20 -1.43 -2.79 -21.12
N ALA A 21 -2.32 -3.70 -21.52
CA ALA A 21 -3.71 -3.33 -21.71
C ALA A 21 -4.37 -2.92 -20.41
N VAL A 22 -5.28 -1.94 -20.49
CA VAL A 22 -6.03 -1.44 -19.34
C VAL A 22 -7.52 -1.53 -19.63
N ASP A 23 -8.26 -2.14 -18.70
CA ASP A 23 -9.72 -2.19 -18.75
C ASP A 23 -10.25 -1.12 -17.78
N ILE A 24 -11.04 -0.19 -18.30
CA ILE A 24 -11.55 0.93 -17.51
C ILE A 24 -13.04 0.70 -17.27
N PHE A 25 -13.43 0.71 -15.99
CA PHE A 25 -14.79 0.46 -15.52
C PHE A 25 -15.46 1.76 -15.10
N VAL A 26 -16.66 1.99 -15.62
CA VAL A 26 -17.52 3.08 -15.19
C VAL A 26 -18.88 2.49 -14.83
N SER A 27 -19.36 2.73 -13.61
CA SER A 27 -20.67 2.28 -13.17
C SER A 27 -21.67 3.42 -13.20
N THR A 28 -22.87 3.17 -13.72
CA THR A 28 -23.97 4.13 -13.71
C THR A 28 -25.22 3.40 -13.26
N VAL A 29 -26.19 4.16 -12.74
CA VAL A 29 -27.42 3.51 -12.29
C VAL A 29 -28.66 4.31 -12.69
N ASP A 30 -28.57 5.64 -12.69
CA ASP A 30 -29.76 6.49 -12.78
C ASP A 30 -29.46 7.77 -13.57
N PRO A 31 -29.85 7.82 -14.85
CA PRO A 31 -29.59 9.03 -15.67
C PRO A 31 -30.18 10.32 -15.10
N LEU A 32 -31.17 10.21 -14.21
CA LEU A 32 -31.75 11.38 -13.56
C LEU A 32 -30.84 11.94 -12.48
N LYS A 33 -30.04 11.12 -11.82
CA LYS A 33 -29.04 11.61 -10.89
C LYS A 33 -27.67 11.72 -11.54
N GLU A 34 -27.45 10.97 -12.62
CA GLU A 34 -26.18 10.93 -13.35
C GLU A 34 -26.43 11.43 -14.77
N PRO A 35 -26.32 12.74 -15.00
CA PRO A 35 -26.72 13.31 -16.30
C PRO A 35 -25.97 12.68 -17.45
N PRO A 36 -26.68 12.22 -18.50
CA PRO A 36 -26.03 11.54 -19.62
C PRO A 36 -24.87 12.31 -20.23
N LEU A 37 -24.93 13.64 -20.23
CA LEU A 37 -23.86 14.42 -20.86
C LEU A 37 -22.57 14.38 -20.05
N VAL A 38 -22.67 14.33 -18.72
CA VAL A 38 -21.47 14.24 -17.88
C VAL A 38 -20.80 12.87 -18.06
N THR A 39 -21.60 11.81 -18.05
CA THR A 39 -21.09 10.49 -18.40
C THR A 39 -20.42 10.49 -19.78
N ALA A 40 -21.09 11.08 -20.78
CA ALA A 40 -20.52 11.17 -22.13
C ALA A 40 -19.17 11.85 -22.12
N ASN A 41 -19.03 12.94 -21.37
CA ASN A 41 -17.74 13.63 -21.31
C ASN A 41 -16.67 12.74 -20.67
N THR A 42 -17.05 11.94 -19.67
CA THR A 42 -16.06 11.03 -19.09
C THR A 42 -15.63 9.97 -20.12
N VAL A 43 -16.61 9.40 -20.81
CA VAL A 43 -16.34 8.39 -21.83
C VAL A 43 -15.48 8.96 -22.95
N LEU A 44 -15.79 10.17 -23.41
CA LEU A 44 -14.99 10.76 -24.48
C LEU A 44 -13.56 11.00 -24.04
N SER A 45 -13.35 11.42 -22.78
CA SER A 45 -11.96 11.58 -22.31
C SER A 45 -11.24 10.25 -22.22
N ILE A 46 -11.97 9.17 -22.00
CA ILE A 46 -11.34 7.85 -22.01
C ILE A 46 -11.01 7.41 -23.43
N LEU A 47 -11.97 7.49 -24.35
CA LEU A 47 -11.73 7.07 -25.73
C LEU A 47 -10.61 7.85 -26.40
N ALA A 48 -10.30 9.06 -25.93
CA ALA A 48 -9.32 9.89 -26.60
C ALA A 48 -7.96 9.85 -25.91
N VAL A 49 -7.78 8.93 -24.95
CA VAL A 49 -6.59 8.90 -24.14
C VAL A 49 -5.38 8.59 -25.03
N ASP A 50 -4.22 9.10 -24.63
CA ASP A 50 -2.98 8.87 -25.38
C ASP A 50 -2.46 7.48 -25.05
N TYR A 51 -2.92 6.49 -25.82
CA TYR A 51 -2.59 5.09 -25.54
C TYR A 51 -2.92 4.28 -26.78
N PRO A 52 -2.21 3.19 -27.05
CA PRO A 52 -2.55 2.37 -28.23
C PRO A 52 -4.00 1.90 -28.11
N VAL A 53 -4.78 2.12 -29.18
CA VAL A 53 -6.24 1.96 -29.07
C VAL A 53 -6.63 0.52 -28.75
N ASP A 54 -5.85 -0.46 -29.20
CA ASP A 54 -6.21 -1.83 -28.85
C ASP A 54 -5.92 -2.18 -27.40
N LYS A 55 -5.21 -1.32 -26.65
CA LYS A 55 -4.81 -1.67 -25.30
C LYS A 55 -5.56 -0.87 -24.23
N VAL A 56 -6.57 -0.10 -24.60
CA VAL A 56 -7.45 0.53 -23.62
C VAL A 56 -8.88 0.21 -24.03
N SER A 57 -9.70 -0.23 -23.06
CA SER A 57 -11.09 -0.60 -23.30
C SER A 57 -11.96 0.05 -22.23
N CYS A 58 -13.16 0.49 -22.62
CA CYS A 58 -14.07 1.18 -21.72
C CYS A 58 -15.37 0.38 -21.56
N TYR A 59 -15.60 -0.10 -20.34
CA TYR A 59 -16.78 -0.87 -19.95
C TYR A 59 -17.69 0.02 -19.11
N VAL A 60 -18.91 0.25 -19.58
CA VAL A 60 -19.90 1.05 -18.85
C VAL A 60 -21.01 0.12 -18.40
N SER A 61 -21.12 -0.08 -17.10
CA SER A 61 -22.18 -0.85 -16.48
C SER A 61 -23.39 0.06 -16.24
N ASP A 62 -24.57 -0.37 -16.68
CA ASP A 62 -25.79 0.41 -16.47
C ASP A 62 -26.75 -0.43 -15.64
N ASP A 63 -26.70 -0.27 -14.31
CA ASP A 63 -27.58 -1.01 -13.43
C ASP A 63 -29.03 -0.52 -13.49
N GLY A 64 -29.30 0.60 -14.16
CA GLY A 64 -30.67 1.04 -14.37
C GLY A 64 -31.34 0.46 -15.60
N ALA A 65 -30.55 -0.15 -16.49
CA ALA A 65 -31.00 -0.72 -17.76
C ALA A 65 -31.87 0.29 -18.52
N ALA A 66 -31.37 1.52 -18.60
CA ALA A 66 -32.11 2.66 -19.13
C ALA A 66 -31.79 2.86 -20.61
N MET A 67 -32.82 2.78 -21.46
CA MET A 67 -32.63 3.07 -22.88
C MET A 67 -31.99 4.43 -23.09
N LEU A 68 -32.32 5.41 -22.24
CA LEU A 68 -31.69 6.71 -22.35
C LEU A 68 -30.16 6.60 -22.28
N SER A 69 -29.65 5.80 -21.32
CA SER A 69 -28.21 5.63 -21.21
C SER A 69 -27.63 4.86 -22.39
N PHE A 70 -28.33 3.83 -22.85
CA PHE A 70 -27.83 3.07 -23.99
C PHE A 70 -27.69 3.97 -25.22
N GLU A 71 -28.73 4.74 -25.51
CA GLU A 71 -28.74 5.60 -26.69
C GLU A 71 -27.77 6.77 -26.53
N SER A 72 -27.62 7.31 -25.31
CA SER A 72 -26.65 8.40 -25.20
C SER A 72 -25.24 7.86 -25.34
N LEU A 73 -25.00 6.62 -24.91
CA LEU A 73 -23.68 6.02 -25.15
C LEU A 73 -23.46 5.75 -26.64
N ALA A 74 -24.52 5.36 -27.35
CA ALA A 74 -24.44 5.20 -28.81
C ALA A 74 -24.05 6.51 -29.48
N GLU A 75 -24.78 7.58 -29.18
CA GLU A 75 -24.47 8.90 -29.72
C GLU A 75 -23.05 9.33 -29.34
N THR A 76 -22.63 8.98 -28.12
CA THR A 76 -21.30 9.35 -27.67
C THR A 76 -20.24 8.68 -28.53
N SER A 77 -20.42 7.39 -28.83
CA SER A 77 -19.44 6.68 -29.64
C SER A 77 -19.36 7.29 -31.04
N GLU A 78 -20.53 7.66 -31.59
CA GLU A 78 -20.51 8.30 -32.92
C GLU A 78 -19.75 9.62 -32.89
N PHE A 79 -20.01 10.46 -31.88
CA PHE A 79 -19.26 11.72 -31.77
C PHE A 79 -17.77 11.48 -31.52
N ALA A 80 -17.43 10.41 -30.77
CA ALA A 80 -16.02 10.08 -30.56
C ALA A 80 -15.30 9.90 -31.87
N ARG A 81 -15.98 9.34 -32.87
CA ARG A 81 -15.36 9.15 -34.17
C ARG A 81 -14.80 10.45 -34.74
N LYS A 82 -15.40 11.60 -34.41
CA LYS A 82 -14.83 12.89 -34.79
C LYS A 82 -13.87 13.44 -33.74
N TRP A 83 -14.27 13.35 -32.47
CA TRP A 83 -13.56 14.03 -31.39
C TRP A 83 -12.17 13.46 -31.16
N VAL A 84 -12.04 12.14 -31.19
CA VAL A 84 -10.77 11.51 -30.83
C VAL A 84 -9.62 11.93 -31.78
N PRO A 85 -9.75 11.79 -33.10
CA PRO A 85 -8.62 12.22 -33.96
C PRO A 85 -8.31 13.70 -33.85
N PHE A 86 -9.32 14.55 -33.65
CA PHE A 86 -9.08 15.96 -33.43
C PHE A 86 -8.14 16.17 -32.24
N CYS A 87 -8.50 15.58 -31.08
CA CYS A 87 -7.68 15.73 -29.87
C CYS A 87 -6.26 15.23 -30.10
N LYS A 88 -6.11 14.12 -30.81
CA LYS A 88 -4.76 13.57 -30.92
C LYS A 88 -3.91 14.39 -31.91
N LYS A 89 -4.52 14.88 -32.97
CA LYS A 89 -3.80 15.73 -33.92
C LYS A 89 -3.29 16.99 -33.25
N TYR A 90 -4.12 17.64 -32.42
CA TYR A 90 -3.73 18.94 -31.88
C TYR A 90 -3.30 18.90 -30.41
N SER A 91 -3.08 17.71 -29.85
CA SER A 91 -2.67 17.57 -28.44
C SER A 91 -3.59 18.33 -27.50
N ILE A 92 -4.89 18.12 -27.64
CA ILE A 92 -5.88 18.84 -26.85
C ILE A 92 -5.82 18.35 -25.41
N GLU A 93 -5.97 19.29 -24.46
CA GLU A 93 -6.18 18.94 -23.06
C GLU A 93 -7.17 19.94 -22.45
N PRO A 94 -8.10 19.47 -21.61
CA PRO A 94 -8.44 18.06 -21.35
C PRO A 94 -9.27 17.51 -22.49
N ARG A 95 -9.38 16.19 -22.62
CA ARG A 95 -10.11 15.63 -23.74
C ARG A 95 -11.56 15.33 -23.41
N ALA A 96 -12.13 16.08 -22.46
CA ALA A 96 -13.56 16.11 -22.23
C ALA A 96 -14.10 17.39 -22.89
N PRO A 97 -14.88 17.30 -23.95
CA PRO A 97 -15.18 18.50 -24.75
C PRO A 97 -15.81 19.64 -23.95
N GLU A 98 -16.74 19.34 -23.03
CA GLU A 98 -17.37 20.38 -22.22
C GLU A 98 -16.33 21.24 -21.52
N TRP A 99 -15.26 20.62 -21.00
CA TRP A 99 -14.27 21.40 -20.29
C TRP A 99 -13.27 22.04 -21.23
N TYR A 100 -12.90 21.35 -22.32
CA TYR A 100 -12.00 21.95 -23.29
C TYR A 100 -12.58 23.24 -23.84
N PHE A 101 -13.82 23.19 -24.31
CA PHE A 101 -14.47 24.33 -24.93
C PHE A 101 -14.82 25.43 -23.93
N ALA A 102 -14.71 25.18 -22.63
CA ALA A 102 -14.88 26.27 -21.67
C ALA A 102 -13.66 27.17 -21.59
N ALA A 103 -12.48 26.69 -21.98
CA ALA A 103 -11.25 27.47 -21.90
C ALA A 103 -11.19 28.49 -23.04
N LYS A 104 -10.81 29.72 -22.70
CA LYS A 104 -10.70 30.77 -23.70
C LYS A 104 -9.48 30.60 -24.61
N ILE A 105 -9.70 30.84 -25.89
CA ILE A 105 -8.69 30.79 -26.94
C ILE A 105 -8.36 32.21 -27.40
N ASP A 106 -7.10 32.42 -27.79
CA ASP A 106 -6.60 33.73 -28.20
C ASP A 106 -6.57 33.76 -29.73
N TYR A 107 -7.61 34.35 -30.34
CA TYR A 107 -7.66 34.46 -31.80
C TYR A 107 -6.84 35.62 -32.35
N LEU A 108 -6.55 36.63 -31.52
CA LEU A 108 -5.95 37.86 -32.02
C LEU A 108 -4.49 37.68 -32.39
N LYS A 109 -3.82 36.67 -31.82
CA LYS A 109 -2.41 36.43 -32.09
C LYS A 109 -2.16 35.84 -33.47
N ASP A 110 -3.21 35.44 -34.20
CA ASP A 110 -3.07 34.91 -35.55
C ASP A 110 -3.50 35.94 -36.59
N LYS A 111 -2.65 36.14 -37.59
CA LYS A 111 -2.99 37.04 -38.68
C LYS A 111 -4.16 36.51 -39.49
N VAL A 112 -4.15 35.20 -39.77
CA VAL A 112 -5.12 34.53 -40.62
C VAL A 112 -5.69 33.31 -39.88
N GLN A 113 -6.84 32.83 -40.33
CA GLN A 113 -7.37 31.61 -39.74
C GLN A 113 -6.43 30.46 -40.05
N THR A 114 -5.98 29.78 -39.01
CA THR A 114 -5.15 28.59 -39.08
C THR A 114 -5.98 27.35 -39.39
N SER A 115 -5.32 26.29 -39.86
CA SER A 115 -6.00 24.99 -39.95
C SER A 115 -6.55 24.54 -38.61
N PHE A 116 -5.82 24.80 -37.51
CA PHE A 116 -6.32 24.41 -36.20
C PHE A 116 -7.61 25.13 -35.86
N VAL A 117 -7.64 26.45 -36.08
CA VAL A 117 -8.82 27.24 -35.72
C VAL A 117 -10.02 26.82 -36.56
N LYS A 118 -9.80 26.55 -37.85
CA LYS A 118 -10.88 26.06 -38.71
C LYS A 118 -11.42 24.72 -38.21
N ASP A 119 -10.52 23.77 -37.96
CA ASP A 119 -10.93 22.46 -37.46
C ASP A 119 -11.67 22.59 -36.13
N ARG A 120 -11.20 23.52 -35.27
CA ARG A 120 -11.80 23.70 -33.95
C ARG A 120 -13.18 24.32 -34.04
N ARG A 121 -13.38 25.29 -34.94
CA ARG A 121 -14.73 25.85 -35.11
C ARG A 121 -15.70 24.79 -35.59
N ALA A 122 -15.26 23.92 -36.51
CA ALA A 122 -16.18 22.87 -36.95
C ALA A 122 -16.44 21.86 -35.83
N MET A 123 -15.39 21.50 -35.08
CA MET A 123 -15.56 20.54 -33.98
C MET A 123 -16.51 21.10 -32.93
N LYS A 124 -16.42 22.40 -32.65
CA LYS A 124 -17.28 22.98 -31.63
C LYS A 124 -18.73 22.97 -32.07
N ARG A 125 -18.99 23.19 -33.35
CA ARG A 125 -20.42 23.09 -33.63
C ARG A 125 -20.88 21.65 -33.62
N GLU A 126 -20.00 20.73 -34.01
CA GLU A 126 -20.35 19.33 -33.94
C GLU A 126 -20.70 18.94 -32.50
N TYR A 127 -19.94 19.47 -31.54
CA TYR A 127 -20.22 19.21 -30.13
C TYR A 127 -21.54 19.83 -29.70
N GLU A 128 -21.83 21.07 -30.17
CA GLU A 128 -23.12 21.70 -29.82
C GLU A 128 -24.29 20.89 -30.35
N GLU A 129 -24.16 20.39 -31.57
CA GLU A 129 -25.17 19.50 -32.16
C GLU A 129 -25.31 18.17 -31.40
N PHE A 130 -24.19 17.58 -30.99
CA PHE A 130 -24.23 16.41 -30.13
C PHE A 130 -25.02 16.69 -28.86
N LYS A 131 -24.73 17.83 -28.22
CA LYS A 131 -25.43 18.20 -26.99
C LYS A 131 -26.93 18.35 -27.21
N ILE A 132 -27.32 18.98 -28.32
CA ILE A 132 -28.74 19.10 -28.59
C ILE A 132 -29.38 17.72 -28.75
N ARG A 133 -28.68 16.79 -29.41
CA ARG A 133 -29.26 15.45 -29.56
C ARG A 133 -29.42 14.76 -28.20
N ILE A 134 -28.44 14.96 -27.31
CA ILE A 134 -28.55 14.32 -25.99
C ILE A 134 -29.70 14.93 -25.18
N ASN A 135 -29.81 16.27 -25.21
CA ASN A 135 -30.95 16.93 -24.57
C ASN A 135 -32.27 16.36 -25.08
N ALA A 136 -32.34 16.10 -26.39
CA ALA A 136 -33.57 15.53 -26.95
C ALA A 136 -33.84 14.14 -26.41
N LEU A 137 -32.78 13.34 -26.21
CA LEU A 137 -32.96 12.01 -25.65
C LEU A 137 -33.50 12.10 -24.22
N VAL A 138 -32.95 13.02 -23.43
CA VAL A 138 -33.44 13.21 -22.06
C VAL A 138 -34.90 13.64 -22.05
N SER A 139 -35.25 14.60 -22.93
CA SER A 139 -36.64 15.07 -22.99
C SER A 139 -37.59 13.93 -23.32
N LYS A 140 -37.27 13.16 -24.37
CA LYS A 140 -38.12 12.04 -24.73
C LYS A 140 -38.24 11.02 -23.61
N ALA A 141 -37.16 10.81 -22.84
CA ALA A 141 -37.27 9.86 -21.73
C ALA A 141 -38.16 10.35 -20.59
N LEU A 142 -38.39 11.67 -20.48
CA LEU A 142 -39.13 12.17 -19.31
C LEU A 142 -40.50 11.49 -19.10
N LYS A 143 -41.14 10.95 -20.14
CA LYS A 143 -42.51 10.46 -19.98
C LYS A 143 -42.77 9.14 -20.71
N CYS A 144 -43.09 8.06 -19.98
CA CYS A 144 -43.28 6.79 -20.66
C CYS A 144 -44.40 6.85 -21.71
N PRO A 145 -44.20 6.25 -22.88
CA PRO A 145 -45.24 5.42 -23.48
C PRO A 145 -45.63 4.23 -22.61
N GLU A 146 -46.87 3.79 -22.90
CA GLU A 146 -47.60 2.78 -22.15
C GLU A 146 -47.10 1.36 -22.40
N GLU A 147 -46.69 1.06 -23.63
CA GLU A 147 -46.13 -0.25 -23.95
C GLU A 147 -44.61 -0.38 -23.61
N GLY A 148 -43.98 0.58 -22.92
CA GLY A 148 -42.55 0.48 -22.61
C GLY A 148 -41.68 0.93 -23.79
N TRP A 149 -40.34 0.86 -23.66
CA TRP A 149 -39.64 1.51 -24.76
C TRP A 149 -39.38 0.58 -25.91
N VAL A 150 -39.24 1.21 -27.06
CA VAL A 150 -38.98 0.52 -28.29
C VAL A 150 -37.70 1.07 -28.91
N MET A 151 -36.93 0.19 -29.50
CA MET A 151 -35.59 0.54 -29.96
C MET A 151 -35.60 1.00 -31.42
N GLN A 152 -34.38 1.21 -31.94
CA GLN A 152 -34.18 1.55 -33.35
C GLN A 152 -34.94 0.63 -34.28
N ASP A 153 -34.71 -0.67 -34.08
CA ASP A 153 -35.22 -1.80 -34.82
C ASP A 153 -36.72 -1.80 -35.07
N GLY A 154 -37.44 -1.31 -34.07
CA GLY A 154 -38.83 -1.64 -33.90
C GLY A 154 -39.10 -2.58 -32.72
N THR A 155 -38.07 -3.31 -32.28
CA THR A 155 -38.15 -4.27 -31.19
C THR A 155 -38.12 -3.56 -29.83
N PRO A 156 -38.83 -4.12 -28.85
CA PRO A 156 -38.88 -3.48 -27.53
C PRO A 156 -37.57 -3.54 -26.77
N TRP A 157 -37.35 -2.53 -25.94
CA TRP A 157 -36.16 -2.40 -25.10
C TRP A 157 -36.15 -3.52 -24.07
N PRO A 158 -35.12 -4.38 -24.03
CA PRO A 158 -35.14 -5.51 -23.07
C PRO A 158 -35.10 -5.09 -21.61
N GLY A 159 -34.79 -3.84 -21.28
CA GLY A 159 -34.78 -3.48 -19.87
C GLY A 159 -35.98 -2.66 -19.40
N ASN A 160 -37.13 -2.78 -20.08
CA ASN A 160 -38.32 -2.02 -19.68
C ASN A 160 -38.74 -2.33 -18.24
N ASN A 161 -38.60 -3.57 -17.79
CA ASN A 161 -38.85 -3.93 -16.41
C ASN A 161 -37.51 -3.90 -15.69
N THR A 162 -37.31 -2.86 -14.86
CA THR A 162 -36.00 -2.55 -14.32
C THR A 162 -35.47 -3.64 -13.38
N ARG A 163 -36.36 -4.36 -12.70
CA ARG A 163 -35.94 -5.38 -11.75
C ARG A 163 -36.05 -6.80 -12.31
N ASP A 164 -36.42 -6.95 -13.58
CA ASP A 164 -36.77 -8.27 -14.13
C ASP A 164 -36.48 -8.21 -15.63
N HIS A 165 -35.21 -8.45 -16.00
CA HIS A 165 -34.80 -8.26 -17.38
C HIS A 165 -33.51 -9.05 -17.64
N PRO A 166 -33.31 -9.53 -18.87
CA PRO A 166 -32.12 -10.34 -19.17
C PRO A 166 -30.85 -9.49 -19.18
N GLY A 167 -29.72 -10.18 -19.21
CA GLY A 167 -28.43 -9.51 -19.37
C GLY A 167 -28.25 -8.94 -20.78
N MET A 168 -27.62 -7.76 -20.84
CA MET A 168 -27.45 -7.05 -22.10
C MET A 168 -26.00 -6.63 -22.26
N ILE A 169 -25.43 -6.88 -23.43
CA ILE A 169 -24.07 -6.46 -23.76
C ILE A 169 -24.05 -5.96 -25.18
N GLN A 170 -23.39 -4.82 -25.40
CA GLN A 170 -23.27 -4.23 -26.72
C GLN A 170 -21.89 -3.61 -26.87
N VAL A 171 -21.14 -4.06 -27.86
CA VAL A 171 -19.81 -3.53 -28.15
C VAL A 171 -19.93 -2.49 -29.26
N PHE A 172 -19.46 -1.28 -28.98
CA PHE A 172 -19.32 -0.17 -29.92
C PHE A 172 -17.84 0.04 -30.22
N LEU A 173 -17.57 0.62 -31.38
CA LEU A 173 -16.22 0.97 -31.82
C LEU A 173 -15.34 -0.29 -31.79
N GLY A 174 -14.08 -0.13 -31.45
CA GLY A 174 -13.16 -1.25 -31.50
C GLY A 174 -12.91 -1.71 -32.93
N GLN A 175 -12.32 -2.91 -33.02
CA GLN A 175 -11.85 -3.45 -34.29
C GLN A 175 -12.93 -3.49 -35.37
N ASN A 176 -14.16 -3.79 -35.01
CA ASN A 176 -15.20 -3.97 -36.02
C ASN A 176 -16.29 -2.91 -35.93
N GLY A 177 -16.02 -1.81 -35.23
CA GLY A 177 -17.04 -0.82 -35.00
C GLY A 177 -16.85 0.46 -35.80
N GLY A 178 -16.20 0.36 -36.94
CA GLY A 178 -16.08 1.58 -37.71
C GLY A 178 -14.96 2.48 -37.26
N LEU A 179 -14.43 3.22 -38.22
CA LEU A 179 -13.24 4.04 -38.07
C LEU A 179 -13.56 5.47 -37.64
N ASP A 180 -12.52 6.15 -37.15
CA ASP A 180 -12.63 7.57 -36.85
C ASP A 180 -12.49 8.39 -38.13
N ALA A 181 -12.50 9.71 -37.99
CA ALA A 181 -12.57 10.60 -39.15
C ALA A 181 -11.32 10.55 -40.01
N GLU A 182 -10.23 9.96 -39.52
CA GLU A 182 -9.00 9.77 -40.26
C GLU A 182 -8.82 8.34 -40.73
N GLY A 183 -9.86 7.51 -40.61
CA GLY A 183 -9.78 6.13 -41.05
C GLY A 183 -9.13 5.16 -40.07
N ASN A 184 -8.96 5.53 -38.79
CA ASN A 184 -8.32 4.68 -37.79
C ASN A 184 -9.31 4.12 -36.78
N GLU A 185 -9.01 2.92 -36.29
CA GLU A 185 -9.85 2.27 -35.29
C GLU A 185 -9.78 2.99 -33.95
N LEU A 186 -10.86 2.87 -33.19
CA LEU A 186 -11.02 3.47 -31.87
C LEU A 186 -11.01 2.39 -30.79
N PRO A 187 -10.85 2.77 -29.52
CA PRO A 187 -10.95 1.76 -28.45
C PRO A 187 -12.36 1.22 -28.33
N ARG A 188 -12.47 -0.02 -27.86
CA ARG A 188 -13.77 -0.62 -27.60
C ARG A 188 -14.52 0.15 -26.53
N LEU A 189 -15.83 0.28 -26.71
CA LEU A 189 -16.73 0.82 -25.71
C LEU A 189 -17.84 -0.19 -25.49
N VAL A 190 -17.97 -0.74 -24.28
CA VAL A 190 -18.87 -1.87 -24.03
C VAL A 190 -19.96 -1.45 -23.05
N TYR A 191 -21.20 -1.52 -23.50
CA TYR A 191 -22.35 -1.34 -22.64
C TYR A 191 -22.70 -2.68 -22.01
N VAL A 192 -22.86 -2.68 -20.68
CA VAL A 192 -23.17 -3.88 -19.90
C VAL A 192 -24.32 -3.55 -18.98
N SER A 193 -25.39 -4.34 -19.05
CA SER A 193 -26.45 -4.28 -18.04
C SER A 193 -26.67 -5.71 -17.56
N ARG A 194 -26.14 -6.05 -16.38
CA ARG A 194 -26.24 -7.42 -15.89
C ARG A 194 -27.71 -7.79 -15.62
N GLU A 195 -27.99 -9.09 -15.70
CA GLU A 195 -29.34 -9.60 -15.52
C GLU A 195 -29.88 -9.25 -14.13
N LYS A 196 -31.17 -8.95 -14.05
CA LYS A 196 -31.86 -8.69 -12.79
C LYS A 196 -33.11 -9.54 -12.72
N ARG A 197 -33.28 -10.29 -11.64
CA ARG A 197 -34.47 -11.13 -11.49
C ARG A 197 -34.96 -11.09 -10.05
N PRO A 198 -36.27 -11.02 -9.83
CA PRO A 198 -36.81 -11.10 -8.47
C PRO A 198 -36.28 -12.34 -7.78
N GLY A 199 -35.92 -12.17 -6.49
CA GLY A 199 -35.33 -13.23 -5.71
C GLY A 199 -33.82 -13.25 -5.71
N PHE A 200 -33.16 -12.49 -6.56
CA PHE A 200 -31.70 -12.41 -6.57
C PHE A 200 -31.24 -11.02 -6.13
N GLN A 201 -30.40 -10.99 -5.12
CA GLN A 201 -29.66 -9.79 -4.73
C GLN A 201 -28.69 -9.38 -5.83
N HIS A 202 -28.50 -8.07 -5.98
CA HIS A 202 -27.53 -7.59 -6.96
C HIS A 202 -26.36 -6.84 -6.34
N HIS A 203 -26.41 -6.49 -5.06
CA HIS A 203 -25.31 -5.88 -4.32
C HIS A 203 -24.86 -4.53 -4.88
N LYS A 204 -25.66 -3.85 -5.71
CA LYS A 204 -25.35 -2.46 -6.12
C LYS A 204 -24.01 -2.37 -6.86
N LYS A 205 -23.25 -1.31 -6.59
CA LYS A 205 -22.01 -1.07 -7.32
C LYS A 205 -21.04 -2.23 -7.17
N ALA A 206 -20.98 -2.84 -5.98
CA ALA A 206 -20.03 -3.94 -5.77
C ALA A 206 -20.32 -5.10 -6.71
N GLY A 207 -21.61 -5.46 -6.83
CA GLY A 207 -21.98 -6.53 -7.75
C GLY A 207 -21.75 -6.13 -9.19
N ALA A 208 -22.02 -4.87 -9.53
CA ALA A 208 -21.71 -4.39 -10.87
C ALA A 208 -20.22 -4.51 -11.17
N MET A 209 -19.37 -4.15 -10.20
CA MET A 209 -17.93 -4.19 -10.45
C MET A 209 -17.47 -5.62 -10.64
N ASN A 210 -18.01 -6.55 -9.84
CA ASN A 210 -17.61 -7.94 -10.03
C ASN A 210 -18.05 -8.47 -11.39
N ALA A 211 -19.27 -8.11 -11.80
CA ALA A 211 -19.71 -8.47 -13.14
C ALA A 211 -18.76 -7.90 -14.19
N LEU A 212 -18.31 -6.65 -14.00
CA LEU A 212 -17.41 -6.06 -15.00
C LEU A 212 -16.04 -6.72 -15.00
N VAL A 213 -15.56 -7.17 -13.83
CA VAL A 213 -14.30 -7.92 -13.78
C VAL A 213 -14.42 -9.13 -14.69
N ARG A 214 -15.57 -9.80 -14.65
CA ARG A 214 -15.76 -11.02 -15.42
C ARG A 214 -16.00 -10.74 -16.91
N VAL A 215 -16.88 -9.78 -17.22
CA VAL A 215 -17.11 -9.40 -18.60
C VAL A 215 -15.80 -8.99 -19.27
N SER A 216 -15.03 -8.10 -18.63
CA SER A 216 -13.77 -7.67 -19.19
C SER A 216 -12.82 -8.84 -19.37
N ALA A 217 -12.80 -9.76 -18.41
CA ALA A 217 -11.92 -10.93 -18.55
C ALA A 217 -12.28 -11.77 -19.76
N VAL A 218 -13.57 -11.85 -20.08
CA VAL A 218 -13.94 -12.63 -21.25
C VAL A 218 -13.58 -11.90 -22.54
N LEU A 219 -13.78 -10.57 -22.55
CA LEU A 219 -13.66 -9.86 -23.84
C LEU A 219 -12.26 -9.29 -24.11
N THR A 220 -11.54 -8.82 -23.09
CA THR A 220 -10.21 -8.25 -23.34
C THR A 220 -9.17 -8.81 -22.38
N ASN A 221 -9.49 -8.86 -21.08
CA ASN A 221 -8.61 -9.48 -20.09
C ASN A 221 -7.29 -8.72 -19.95
N GLY A 222 -7.37 -7.40 -19.85
CA GLY A 222 -6.19 -6.59 -19.61
C GLY A 222 -5.57 -6.86 -18.25
N PRO A 223 -4.23 -6.86 -18.17
CA PRO A 223 -3.58 -7.07 -16.87
C PRO A 223 -3.89 -5.99 -15.86
N PHE A 224 -4.37 -4.84 -16.28
CA PHE A 224 -4.64 -3.75 -15.36
C PHE A 224 -6.08 -3.28 -15.49
N ILE A 225 -6.61 -2.80 -14.37
CA ILE A 225 -7.99 -2.34 -14.26
C ILE A 225 -7.96 -0.95 -13.64
N LEU A 226 -8.89 -0.10 -14.07
CA LEU A 226 -9.07 1.22 -13.50
C LEU A 226 -10.55 1.52 -13.39
N ASN A 227 -11.00 1.99 -12.23
CA ASN A 227 -12.40 2.29 -12.03
C ASN A 227 -12.56 3.79 -11.87
N LEU A 228 -13.33 4.42 -12.75
CA LEU A 228 -13.59 5.85 -12.66
C LEU A 228 -15.08 6.09 -12.37
N ASP A 229 -15.36 7.08 -11.53
CA ASP A 229 -16.74 7.58 -11.39
C ASP A 229 -17.19 8.17 -12.71
N CYS A 230 -18.51 8.17 -12.96
CA CYS A 230 -18.99 8.62 -14.26
C CYS A 230 -18.79 10.11 -14.49
N ASP A 231 -18.44 10.88 -13.47
CA ASP A 231 -18.11 12.29 -13.64
C ASP A 231 -16.61 12.56 -13.55
N HIS A 232 -15.77 11.53 -13.44
CA HIS A 232 -14.33 11.73 -13.27
C HIS A 232 -13.66 11.56 -14.63
N TYR A 233 -13.71 12.62 -15.42
CA TYR A 233 -13.07 12.60 -16.73
C TYR A 233 -11.56 12.63 -16.57
N ILE A 234 -10.87 11.95 -17.48
CA ILE A 234 -9.41 11.95 -17.45
C ILE A 234 -8.91 13.34 -17.83
N ASN A 235 -8.19 13.98 -16.92
CA ASN A 235 -7.76 15.36 -17.15
C ASN A 235 -6.52 15.45 -18.02
N ASN A 236 -5.67 14.45 -18.01
CA ASN A 236 -4.43 14.47 -18.80
C ASN A 236 -4.33 13.19 -19.62
N SER A 237 -4.39 13.34 -20.93
CA SER A 237 -4.41 12.18 -21.81
C SER A 237 -3.21 11.27 -21.64
N LYS A 238 -2.15 11.72 -20.97
CA LYS A 238 -0.98 10.88 -20.71
C LYS A 238 -1.07 10.11 -19.39
N ALA A 239 -2.25 10.07 -18.75
CA ALA A 239 -2.36 9.46 -17.42
C ALA A 239 -2.00 7.98 -17.42
N LEU A 240 -2.42 7.24 -18.45
CA LEU A 240 -2.11 5.82 -18.47
C LEU A 240 -0.61 5.59 -18.72
N ARG A 241 0.01 6.39 -19.59
CA ARG A 241 1.45 6.26 -19.80
C ARG A 241 2.23 6.56 -18.54
N GLU A 242 1.86 7.63 -17.83
CA GLU A 242 2.51 7.92 -16.55
C GLU A 242 2.33 6.76 -15.58
N ALA A 243 1.11 6.19 -15.50
CA ALA A 243 0.93 5.05 -14.61
C ALA A 243 1.84 3.89 -15.00
N MET A 244 1.96 3.60 -16.29
CA MET A 244 2.79 2.47 -16.71
C MET A 244 4.26 2.72 -16.43
N CYS A 245 4.68 3.98 -16.40
CA CYS A 245 6.06 4.29 -16.05
C CYS A 245 6.40 3.77 -14.65
N PHE A 246 5.41 3.74 -13.75
CA PHE A 246 5.59 3.15 -12.42
C PHE A 246 5.31 1.64 -12.41
N LEU A 247 4.21 1.22 -13.04
CA LEU A 247 3.73 -0.16 -12.88
C LEU A 247 4.62 -1.17 -13.58
N MET A 248 5.32 -0.77 -14.64
CA MET A 248 6.27 -1.63 -15.34
C MET A 248 7.68 -1.17 -14.97
N ASP A 249 8.58 -2.14 -14.75
CA ASP A 249 9.96 -1.78 -14.40
C ASP A 249 10.67 -0.95 -15.49
N ASN A 276 1.79 16.55 -2.22
CA ASN A 276 1.34 16.75 -3.60
C ASN A 276 1.12 15.44 -4.35
N ARG A 277 2.10 14.53 -4.23
CA ARG A 277 2.24 13.37 -5.10
C ARG A 277 1.12 12.36 -4.86
N ASN A 278 1.01 11.43 -5.81
CA ASN A 278 -0.13 10.53 -5.86
C ASN A 278 0.19 9.16 -5.26
N THR A 279 -0.89 8.43 -4.99
CA THR A 279 -0.81 7.18 -4.27
C THR A 279 -0.22 6.08 -5.16
N VAL A 280 0.72 5.32 -4.60
CA VAL A 280 1.45 4.27 -5.32
C VAL A 280 1.69 3.11 -4.37
N PHE A 281 1.74 1.91 -4.93
CA PHE A 281 1.98 0.71 -4.15
C PHE A 281 2.60 -0.32 -5.07
N PHE A 282 3.67 -0.96 -4.60
CA PHE A 282 4.26 -2.09 -5.28
C PHE A 282 4.70 -3.11 -4.24
N ASP A 283 4.45 -4.39 -4.50
CA ASP A 283 4.79 -5.43 -3.53
C ASP A 283 4.86 -6.77 -4.24
N ILE A 284 5.98 -7.47 -4.11
CA ILE A 284 6.11 -8.88 -4.47
C ILE A 284 6.16 -9.64 -3.15
N ASN A 285 5.07 -10.31 -2.81
CA ASN A 285 4.91 -10.87 -1.48
C ASN A 285 5.32 -12.34 -1.51
N LEU A 286 6.37 -12.77 -0.82
CA LEU A 286 6.30 -14.19 -0.51
C LEU A 286 6.48 -14.41 0.97
N ARG A 287 5.92 -15.52 1.45
CA ARG A 287 6.11 -16.03 2.79
C ARG A 287 5.55 -15.01 3.74
N GLY A 288 6.14 -14.95 4.92
CA GLY A 288 6.66 -13.68 5.37
C GLY A 288 5.99 -12.90 6.46
N LEU A 289 6.57 -12.99 7.66
CA LEU A 289 6.36 -11.96 8.67
C LEU A 289 6.96 -10.63 8.24
N ASP A 290 7.81 -10.64 7.21
CA ASP A 290 8.37 -9.44 6.62
C ASP A 290 7.38 -8.79 5.63
N GLY A 291 7.47 -7.46 5.54
CA GLY A 291 6.76 -6.71 4.51
C GLY A 291 5.29 -6.47 4.84
N ILE A 292 4.53 -6.19 3.78
CA ILE A 292 3.10 -5.94 3.90
C ILE A 292 2.40 -7.23 4.25
N GLN A 293 1.56 -7.19 5.28
CA GLN A 293 0.82 -8.34 5.74
C GLN A 293 -0.64 -8.17 5.33
N GLY A 294 -1.20 -9.21 4.71
CA GLY A 294 -2.61 -9.22 4.43
C GLY A 294 -2.99 -8.45 3.17
N PRO A 295 -4.29 -8.27 2.98
CA PRO A 295 -4.79 -7.67 1.75
C PRO A 295 -4.74 -6.14 1.78
N VAL A 296 -4.81 -5.55 0.58
CA VAL A 296 -4.99 -4.11 0.41
C VAL A 296 -6.27 -3.88 -0.41
N TYR A 297 -7.02 -2.82 -0.10
CA TYR A 297 -8.29 -2.56 -0.78
C TYR A 297 -8.19 -1.28 -1.61
N VAL A 298 -8.68 -1.33 -2.85
CA VAL A 298 -8.46 -0.23 -3.78
C VAL A 298 -9.80 0.24 -4.35
N GLY A 299 -10.02 1.56 -4.30
CA GLY A 299 -11.25 2.15 -4.80
C GLY A 299 -11.11 2.85 -6.15
N THR A 300 -11.66 4.06 -6.25
CA THR A 300 -11.79 4.74 -7.55
C THR A 300 -10.48 5.45 -7.91
N GLY A 301 -10.22 5.51 -9.20
CA GLY A 301 -9.17 6.35 -9.69
C GLY A 301 -7.78 5.77 -9.60
N CYS A 302 -7.66 4.45 -9.39
CA CYS A 302 -6.37 3.81 -9.30
C CYS A 302 -6.27 2.69 -10.32
N VAL A 303 -5.20 2.69 -11.09
CA VAL A 303 -4.83 1.57 -11.93
C VAL A 303 -4.22 0.50 -11.03
N PHE A 304 -4.72 -0.73 -11.14
CA PHE A 304 -4.17 -1.80 -10.30
C PHE A 304 -4.11 -3.06 -11.14
N ASN A 305 -3.29 -4.02 -10.69
CA ASN A 305 -3.11 -5.22 -11.51
C ASN A 305 -4.21 -6.25 -11.24
N ARG A 306 -4.75 -6.81 -12.34
CA ARG A 306 -5.94 -7.66 -12.27
C ARG A 306 -5.70 -8.93 -11.45
N THR A 307 -4.58 -9.62 -11.69
CA THR A 307 -4.36 -10.94 -11.10
C THR A 307 -4.32 -10.89 -9.58
N ALA A 308 -4.07 -9.73 -8.98
CA ALA A 308 -4.15 -9.60 -7.53
C ALA A 308 -5.54 -9.90 -6.98
N LEU A 309 -6.58 -9.76 -7.81
CA LEU A 309 -7.94 -10.09 -7.39
C LEU A 309 -8.13 -11.59 -7.21
N TYR A 310 -7.36 -12.39 -7.95
CA TYR A 310 -7.54 -13.85 -8.04
C TYR A 310 -6.73 -14.59 -6.98
N GLY A 311 -6.50 -13.97 -5.83
CA GLY A 311 -5.47 -14.30 -4.85
C GLY A 311 -5.50 -15.70 -4.27
N TYR A 312 -6.59 -16.47 -4.47
CA TYR A 312 -6.64 -17.89 -4.10
C TYR A 312 -6.57 -18.15 -2.59
N GLU A 313 -6.96 -19.36 -2.17
CA GLU A 313 -7.10 -19.76 -0.77
C GLU A 313 -5.80 -19.59 0.02
N LEU A 321 -12.06 -25.69 -5.10
CA LEU A 321 -11.54 -26.10 -6.39
C LEU A 321 -11.08 -24.83 -7.09
N GLU A 322 -11.83 -24.52 -8.15
CA GLU A 322 -11.70 -23.34 -8.98
C GLU A 322 -13.05 -22.74 -9.32
N LYS A 323 -14.14 -23.40 -8.96
CA LYS A 323 -15.48 -22.83 -9.11
C LYS A 323 -15.96 -22.26 -7.78
N ARG A 324 -15.00 -21.85 -6.93
CA ARG A 324 -15.12 -20.61 -6.16
C ARG A 324 -15.17 -19.38 -7.06
N PHE A 325 -14.81 -19.53 -8.35
CA PHE A 325 -14.88 -18.44 -9.33
C PHE A 325 -16.19 -18.48 -10.12
N GLY A 326 -17.03 -19.50 -9.91
CA GLY A 326 -18.23 -19.71 -10.69
C GLY A 326 -18.03 -20.65 -11.86
N GLN A 327 -19.15 -21.06 -12.46
CA GLN A 327 -19.15 -22.14 -13.45
C GLN A 327 -18.96 -21.58 -14.86
N SER A 328 -17.81 -20.94 -15.07
CA SER A 328 -17.43 -20.45 -16.38
C SER A 328 -16.04 -20.97 -16.71
N ALA A 329 -15.96 -21.93 -17.63
CA ALA A 329 -14.66 -22.42 -18.08
C ALA A 329 -13.83 -21.29 -18.68
N VAL A 330 -14.45 -20.44 -19.49
CA VAL A 330 -13.72 -19.36 -20.17
C VAL A 330 -13.13 -18.39 -19.16
N PHE A 331 -13.90 -18.00 -18.15
CA PHE A 331 -13.38 -17.04 -17.18
C PHE A 331 -12.23 -17.65 -16.34
N VAL A 332 -12.40 -18.89 -15.89
CA VAL A 332 -11.36 -19.52 -15.09
C VAL A 332 -10.08 -19.64 -15.90
N ALA A 333 -10.21 -20.00 -17.18
CA ALA A 333 -9.04 -20.02 -18.05
C ALA A 333 -8.39 -18.64 -18.15
N SER A 334 -9.20 -17.58 -18.21
CA SER A 334 -8.63 -16.23 -18.33
C SER A 334 -7.83 -15.87 -17.09
N THR A 335 -8.22 -16.38 -15.91
CA THR A 335 -7.44 -16.04 -14.72
C THR A 335 -6.05 -16.65 -14.72
N LEU A 336 -5.75 -17.58 -15.63
CA LEU A 336 -4.48 -18.31 -15.63
C LEU A 336 -3.47 -17.76 -16.62
N MET A 337 -3.81 -16.72 -17.37
CA MET A 337 -2.87 -16.11 -18.31
C MET A 337 -2.19 -14.95 -17.60
N GLU A 338 -0.90 -15.11 -17.27
CA GLU A 338 -0.23 -14.10 -16.48
C GLU A 338 0.07 -12.83 -17.28
N ASN A 339 0.02 -12.89 -18.62
CA ASN A 339 0.10 -11.67 -19.42
C ASN A 339 -1.21 -11.35 -20.14
N GLY A 340 -2.35 -11.84 -19.63
CA GLY A 340 -3.65 -11.38 -20.12
C GLY A 340 -4.02 -11.88 -21.51
N GLY A 341 -4.95 -11.16 -22.13
CA GLY A 341 -5.38 -11.46 -23.47
C GLY A 341 -6.47 -12.54 -23.51
N VAL A 342 -6.99 -12.75 -24.72
CA VAL A 342 -8.04 -13.74 -24.95
C VAL A 342 -7.50 -14.78 -25.92
N PRO A 343 -8.00 -16.01 -25.90
CA PRO A 343 -7.56 -17.02 -26.89
C PRO A 343 -7.86 -16.54 -28.30
N PRO A 344 -6.88 -16.60 -29.20
CA PRO A 344 -7.07 -16.09 -30.57
C PRO A 344 -8.24 -16.68 -31.34
N SER A 345 -8.72 -17.87 -31.00
CA SER A 345 -9.71 -18.56 -31.83
C SER A 345 -11.11 -18.49 -31.23
N ALA A 346 -11.48 -17.32 -30.74
CA ALA A 346 -12.80 -17.07 -30.18
C ALA A 346 -13.48 -15.99 -31.03
N THR A 347 -14.67 -16.30 -31.51
CA THR A 347 -15.37 -15.31 -32.31
C THR A 347 -16.05 -14.30 -31.39
N PRO A 348 -16.20 -13.05 -31.83
CA PRO A 348 -16.94 -12.07 -31.02
C PRO A 348 -18.29 -12.60 -30.56
N GLU A 349 -18.88 -13.47 -31.37
CA GLU A 349 -20.16 -14.13 -31.12
C GLU A 349 -20.14 -15.11 -29.95
N ASN A 350 -19.16 -16.02 -29.94
CA ASN A 350 -18.98 -16.92 -28.80
C ASN A 350 -18.54 -16.15 -27.56
N LEU A 351 -17.66 -15.17 -27.74
CA LEU A 351 -17.28 -14.34 -26.60
C LEU A 351 -18.50 -13.64 -26.01
N LEU A 352 -19.41 -13.17 -26.88
CA LEU A 352 -20.62 -12.53 -26.37
C LEU A 352 -21.52 -13.51 -25.63
N LYS A 353 -21.67 -14.77 -26.12
CA LYS A 353 -22.13 -15.79 -25.17
C LYS A 353 -21.58 -15.61 -23.81
N GLU A 354 -20.29 -15.85 -23.73
CA GLU A 354 -19.66 -16.14 -22.46
C GLU A 354 -19.80 -14.93 -21.57
N ALA A 355 -19.69 -13.75 -22.16
CA ALA A 355 -19.84 -12.52 -21.41
C ALA A 355 -21.25 -12.40 -20.85
N ILE A 356 -22.26 -12.79 -21.62
CA ILE A 356 -23.62 -12.81 -21.09
C ILE A 356 -23.73 -13.82 -19.94
N HIS A 357 -23.16 -15.01 -20.12
CA HIS A 357 -23.26 -16.00 -19.05
C HIS A 357 -22.67 -15.48 -17.74
N VAL A 358 -21.56 -14.74 -17.81
CA VAL A 358 -20.93 -14.35 -16.54
C VAL A 358 -21.64 -13.20 -15.85
N ILE A 359 -22.68 -12.63 -16.46
CA ILE A 359 -23.49 -11.59 -15.81
C ILE A 359 -24.90 -12.10 -15.47
N SER A 360 -25.16 -13.39 -15.58
CA SER A 360 -26.46 -13.94 -15.18
C SER A 360 -26.66 -13.77 -13.68
N CYS A 361 -27.93 -13.60 -13.28
CA CYS A 361 -28.19 -13.15 -11.90
C CYS A 361 -27.79 -14.18 -10.85
N GLY A 362 -27.69 -15.45 -11.21
CA GLY A 362 -27.27 -16.46 -10.27
C GLY A 362 -25.82 -16.87 -10.36
N TYR A 363 -24.99 -16.15 -11.12
CA TYR A 363 -23.65 -16.62 -11.41
C TYR A 363 -22.83 -16.82 -10.14
N GLU A 364 -22.97 -15.92 -9.16
CA GLU A 364 -22.09 -15.89 -8.01
C GLU A 364 -22.50 -16.88 -6.92
N ASP A 365 -23.65 -17.54 -7.06
CA ASP A 365 -24.14 -18.47 -6.05
C ASP A 365 -23.13 -19.61 -5.88
N LYS A 366 -22.84 -19.95 -4.64
CA LYS A 366 -21.88 -20.98 -4.25
C LYS A 366 -20.43 -20.63 -4.56
N SER A 367 -20.15 -19.39 -4.97
CA SER A 367 -18.81 -18.91 -5.26
C SER A 367 -18.32 -17.98 -4.14
N ASP A 368 -17.07 -17.57 -4.27
CA ASP A 368 -16.41 -16.64 -3.35
C ASP A 368 -16.55 -15.17 -3.77
N TRP A 369 -17.15 -14.90 -4.93
CA TRP A 369 -17.33 -13.52 -5.36
C TRP A 369 -18.01 -12.69 -4.27
N GLY A 370 -17.51 -11.48 -4.03
CA GLY A 370 -18.03 -10.63 -2.98
C GLY A 370 -17.72 -11.10 -1.57
N MET A 371 -17.19 -12.31 -1.40
CA MET A 371 -16.78 -12.81 -0.09
C MET A 371 -15.27 -12.70 0.07
N GLU A 372 -14.52 -13.34 -0.83
CA GLU A 372 -13.07 -13.25 -0.83
C GLU A 372 -12.51 -12.76 -2.16
N ILE A 373 -13.34 -12.55 -3.18
CA ILE A 373 -12.84 -12.25 -4.51
C ILE A 373 -13.52 -10.99 -5.04
N GLY A 374 -12.72 -10.08 -5.57
CA GLY A 374 -13.27 -8.87 -6.18
C GLY A 374 -13.63 -7.80 -5.17
N TRP A 375 -14.66 -7.04 -5.50
CA TRP A 375 -15.25 -6.08 -4.59
C TRP A 375 -16.10 -6.84 -3.58
N ILE A 376 -15.92 -6.55 -2.28
CA ILE A 376 -16.43 -7.49 -1.26
C ILE A 376 -17.76 -7.01 -0.70
N TYR A 377 -18.71 -7.93 -0.51
CA TYR A 377 -20.01 -7.49 0.00
C TYR A 377 -19.98 -7.35 1.51
N GLY A 378 -20.72 -6.36 2.00
CA GLY A 378 -20.62 -5.98 3.42
C GLY A 378 -21.88 -5.99 4.27
N SER A 379 -22.06 -4.97 5.10
CA SER A 379 -23.03 -4.97 6.20
C SER A 379 -22.86 -6.21 7.09
N VAL A 380 -21.61 -6.46 7.49
CA VAL A 380 -21.37 -7.46 8.53
C VAL A 380 -20.12 -7.13 9.34
N THR A 381 -18.96 -7.35 8.76
CA THR A 381 -17.69 -7.14 9.49
C THR A 381 -16.68 -6.35 8.68
N GLU A 382 -16.67 -6.51 7.37
CA GLU A 382 -15.52 -6.30 6.49
C GLU A 382 -15.29 -4.88 5.90
N ASP A 383 -15.89 -3.72 6.32
CA ASP A 383 -15.68 -2.45 5.58
C ASP A 383 -14.99 -2.41 4.25
N ILE A 384 -15.33 -3.32 3.41
CA ILE A 384 -14.97 -2.99 2.07
C ILE A 384 -16.23 -2.49 1.41
N LEU A 385 -16.47 -3.06 0.26
CA LEU A 385 -17.23 -2.53 -0.84
C LEU A 385 -17.11 -0.95 -0.80
N THR A 386 -15.88 -0.51 -0.39
CA THR A 386 -15.20 0.70 -0.86
C THR A 386 -14.09 0.35 -1.88
N GLY A 387 -13.86 -0.93 -2.21
CA GLY A 387 -12.89 -1.25 -3.26
C GLY A 387 -12.64 -2.75 -3.47
N PHE A 388 -11.85 -3.03 -4.51
CA PHE A 388 -11.38 -4.38 -4.83
C PHE A 388 -10.36 -4.87 -3.79
N LYS A 389 -10.44 -6.17 -3.47
CA LYS A 389 -9.54 -6.82 -2.53
C LYS A 389 -8.33 -7.38 -3.28
N MET A 390 -7.15 -6.85 -3.00
CA MET A 390 -5.90 -7.32 -3.60
C MET A 390 -5.17 -8.17 -2.56
N HIS A 391 -5.07 -9.46 -2.85
CA HIS A 391 -4.57 -10.48 -1.93
C HIS A 391 -3.05 -10.46 -1.92
N ALA A 392 -2.47 -11.00 -0.85
CA ALA A 392 -1.02 -10.95 -0.70
C ALA A 392 -0.32 -11.88 -1.69
N ARG A 393 -0.83 -13.11 -1.85
CA ARG A 393 -0.23 -14.20 -2.61
C ARG A 393 0.94 -13.81 -3.51
N GLY A 394 0.70 -13.01 -4.54
CA GLY A 394 1.80 -12.64 -5.39
C GLY A 394 2.12 -11.16 -5.57
N TRP A 395 2.20 -10.78 -6.83
CA TRP A 395 2.48 -9.41 -7.24
C TRP A 395 1.27 -8.48 -7.09
N ARG A 396 1.49 -7.32 -6.46
CA ARG A 396 0.47 -6.29 -6.35
C ARG A 396 1.06 -4.95 -6.78
N SER A 397 0.32 -4.19 -7.59
CA SER A 397 0.76 -2.85 -7.95
C SER A 397 -0.43 -1.94 -8.21
N ILE A 398 -0.30 -0.72 -7.70
CA ILE A 398 -1.32 0.34 -7.77
C ILE A 398 -0.63 1.66 -8.09
N TYR A 399 -1.25 2.43 -8.99
CA TYR A 399 -0.89 3.81 -9.26
C TYR A 399 -2.17 4.62 -9.34
N CYS A 400 -2.33 5.63 -8.48
CA CYS A 400 -3.56 6.39 -8.43
C CYS A 400 -3.41 7.74 -9.13
N MET A 401 -4.55 8.21 -9.74
CA MET A 401 -4.32 9.47 -10.44
C MET A 401 -4.50 10.67 -9.52
N PRO A 402 -3.84 11.79 -9.84
CA PRO A 402 -3.99 13.04 -9.08
C PRO A 402 -5.41 13.62 -9.18
N GLN B 18 16.20 15.26 2.39
CA GLN B 18 16.80 15.36 3.72
C GLN B 18 16.39 14.16 4.61
N LEU B 19 16.91 14.10 5.84
CA LEU B 19 16.87 12.91 6.68
C LEU B 19 16.09 13.11 7.97
N ALA B 20 15.03 12.33 8.15
CA ALA B 20 14.20 12.31 9.35
C ALA B 20 14.64 11.17 10.26
N ALA B 21 14.41 11.34 11.57
CA ALA B 21 14.83 10.36 12.57
C ALA B 21 14.10 9.03 12.43
N VAL B 22 14.83 7.95 12.71
CA VAL B 22 14.31 6.59 12.62
C VAL B 22 14.54 5.87 13.94
N ASP B 23 13.46 5.27 14.47
CA ASP B 23 13.51 4.41 15.65
C ASP B 23 13.47 2.96 15.17
N ILE B 24 14.50 2.18 15.50
CA ILE B 24 14.59 0.80 15.07
C ILE B 24 14.31 -0.12 16.25
N PHE B 25 13.33 -1.01 16.07
CA PHE B 25 12.85 -1.94 17.10
C PHE B 25 13.40 -3.33 16.81
N VAL B 26 13.97 -3.95 17.84
CA VAL B 26 14.40 -5.34 17.79
C VAL B 26 13.77 -6.09 18.97
N SER B 27 13.07 -7.19 18.67
CA SER B 27 12.41 -8.03 19.68
C SER B 27 13.27 -9.24 20.03
N THR B 28 13.47 -9.51 21.32
CA THR B 28 14.13 -10.73 21.76
C THR B 28 13.36 -11.31 22.93
N VAL B 29 13.51 -12.62 23.14
CA VAL B 29 12.78 -13.22 24.25
C VAL B 29 13.61 -14.28 24.98
N ASP B 30 14.45 -15.01 24.26
CA ASP B 30 15.08 -16.21 24.82
C ASP B 30 16.51 -16.40 24.31
N PRO B 31 17.51 -15.98 25.09
CA PRO B 31 18.92 -16.11 24.66
C PRO B 31 19.34 -17.54 24.33
N LEU B 32 18.64 -18.54 24.85
CA LEU B 32 18.93 -19.92 24.48
C LEU B 32 18.50 -20.23 23.05
N LYS B 33 17.46 -19.54 22.56
CA LYS B 33 17.04 -19.68 21.17
C LYS B 33 17.55 -18.56 20.29
N GLU B 34 17.86 -17.40 20.85
CA GLU B 34 18.33 -16.24 20.12
C GLU B 34 19.74 -15.93 20.62
N PRO B 35 20.77 -16.54 20.03
CA PRO B 35 22.11 -16.47 20.61
C PRO B 35 22.57 -15.02 20.75
N PRO B 36 23.04 -14.64 21.93
CA PRO B 36 23.45 -13.24 22.15
C PRO B 36 24.40 -12.70 21.10
N LEU B 37 25.27 -13.52 20.50
CA LEU B 37 26.23 -12.99 19.54
C LEU B 37 25.54 -12.57 18.24
N VAL B 38 24.49 -13.29 17.84
CA VAL B 38 23.74 -12.91 16.63
C VAL B 38 22.99 -11.59 16.84
N THR B 39 22.31 -11.47 17.98
CA THR B 39 21.69 -10.20 18.36
C THR B 39 22.73 -9.08 18.37
N ALA B 40 23.89 -9.33 18.98
CA ALA B 40 24.97 -8.35 19.02
C ALA B 40 25.35 -7.91 17.61
N ASN B 41 25.45 -8.84 16.68
CA ASN B 41 25.85 -8.51 15.33
C ASN B 41 24.81 -7.62 14.64
N THR B 42 23.53 -7.90 14.89
CA THR B 42 22.48 -7.04 14.34
C THR B 42 22.57 -5.63 14.92
N VAL B 43 22.72 -5.56 16.24
CA VAL B 43 22.83 -4.26 16.92
C VAL B 43 24.03 -3.47 16.38
N LEU B 44 25.18 -4.13 16.19
CA LEU B 44 26.35 -3.42 15.67
C LEU B 44 26.11 -2.91 14.27
N SER B 45 25.40 -3.70 13.43
CA SER B 45 25.12 -3.19 12.09
C SER B 45 24.18 -2.00 12.14
N ILE B 46 23.31 -1.93 13.15
CA ILE B 46 22.45 -0.77 13.28
C ILE B 46 23.26 0.43 13.77
N LEU B 47 24.05 0.25 14.83
CA LEU B 47 24.83 1.35 15.39
C LEU B 47 25.82 1.94 14.37
N ALA B 48 26.24 1.16 13.38
CA ALA B 48 27.26 1.64 12.45
C ALA B 48 26.66 2.13 11.15
N VAL B 49 25.34 2.26 11.08
CA VAL B 49 24.67 2.60 9.85
C VAL B 49 25.12 3.99 9.39
N ASP B 50 25.14 4.20 8.08
CA ASP B 50 25.51 5.50 7.51
C ASP B 50 24.32 6.44 7.61
N TYR B 51 24.24 7.14 8.74
CA TYR B 51 23.09 8.01 9.02
C TYR B 51 23.52 8.95 10.14
N PRO B 52 22.98 10.16 10.21
CA PRO B 52 23.31 11.06 11.32
C PRO B 52 22.94 10.39 12.65
N VAL B 53 23.91 10.32 13.57
CA VAL B 53 23.75 9.46 14.74
C VAL B 53 22.63 9.93 15.67
N ASP B 54 22.44 11.25 15.81
CA ASP B 54 21.29 11.70 16.60
C ASP B 54 19.95 11.38 15.93
N LYS B 55 19.94 10.88 14.71
CA LYS B 55 18.68 10.64 14.03
C LYS B 55 18.37 9.16 13.84
N VAL B 56 19.18 8.27 14.40
CA VAL B 56 18.86 6.85 14.41
C VAL B 56 19.05 6.34 15.83
N SER B 57 18.06 5.58 16.34
CA SER B 57 18.08 5.01 17.69
C SER B 57 17.67 3.54 17.63
N CYS B 58 18.28 2.73 18.48
CA CYS B 58 18.04 1.28 18.49
C CYS B 58 17.45 0.86 19.83
N TYR B 59 16.21 0.35 19.81
CA TYR B 59 15.49 -0.15 20.98
C TYR B 59 15.45 -1.67 20.92
N VAL B 60 15.98 -2.31 21.96
CA VAL B 60 15.99 -3.76 22.08
C VAL B 60 15.05 -4.13 23.22
N SER B 61 13.92 -4.75 22.88
CA SER B 61 12.99 -5.29 23.87
C SER B 61 13.43 -6.68 24.26
N ASP B 62 13.56 -6.92 25.56
CA ASP B 62 13.94 -8.21 26.12
C ASP B 62 12.76 -8.72 26.96
N ASP B 63 11.89 -9.51 26.31
CA ASP B 63 10.76 -10.09 27.04
C ASP B 63 11.17 -11.22 27.97
N GLY B 64 12.41 -11.69 27.91
CA GLY B 64 12.88 -12.67 28.88
C GLY B 64 13.45 -12.07 30.16
N ALA B 65 13.69 -10.76 30.17
CA ALA B 65 14.30 -10.09 31.32
C ALA B 65 15.53 -10.83 31.80
N ALA B 66 16.40 -11.18 30.85
CA ALA B 66 17.54 -12.05 31.10
C ALA B 66 18.76 -11.20 31.38
N MET B 67 19.35 -11.37 32.57
CA MET B 67 20.57 -10.62 32.87
C MET B 67 21.63 -10.85 31.80
N LEU B 68 21.69 -12.05 31.24
CA LEU B 68 22.61 -12.33 30.14
C LEU B 68 22.38 -11.38 28.94
N SER B 69 21.12 -11.13 28.58
CA SER B 69 20.86 -10.24 27.43
C SER B 69 21.27 -8.81 27.73
N PHE B 70 20.99 -8.32 28.94
CA PHE B 70 21.42 -6.98 29.32
C PHE B 70 22.95 -6.87 29.27
N GLU B 71 23.65 -7.85 29.85
CA GLU B 71 25.10 -7.79 29.90
C GLU B 71 25.71 -7.91 28.51
N SER B 72 25.11 -8.71 27.63
CA SER B 72 25.65 -8.82 26.29
C SER B 72 25.45 -7.52 25.54
N LEU B 73 24.33 -6.83 25.79
CA LEU B 73 24.10 -5.55 25.14
C LEU B 73 25.06 -4.47 25.65
N ALA B 74 25.36 -4.50 26.96
CA ALA B 74 26.38 -3.61 27.50
C ALA B 74 27.73 -3.83 26.83
N GLU B 75 28.16 -5.10 26.76
CA GLU B 75 29.41 -5.41 26.07
C GLU B 75 29.37 -4.96 24.61
N THR B 76 28.22 -5.15 23.98
CA THR B 76 28.08 -4.78 22.58
C THR B 76 28.25 -3.29 22.38
N SER B 77 27.65 -2.47 23.26
CA SER B 77 27.80 -1.02 23.09
C SER B 77 29.26 -0.62 23.28
N GLU B 78 29.95 -1.25 24.25
CA GLU B 78 31.36 -0.94 24.43
C GLU B 78 32.18 -1.31 23.18
N PHE B 79 31.94 -2.48 22.61
CA PHE B 79 32.66 -2.84 21.38
C PHE B 79 32.28 -1.91 20.21
N ALA B 80 31.02 -1.46 20.17
CA ALA B 80 30.61 -0.52 19.12
C ALA B 80 31.47 0.73 19.15
N ARG B 81 31.88 1.16 20.34
CA ARG B 81 32.74 2.35 20.41
C ARG B 81 34.03 2.17 19.60
N LYS B 82 34.49 0.93 19.42
CA LYS B 82 35.62 0.72 18.53
C LYS B 82 35.17 0.43 17.11
N TRP B 83 34.12 -0.38 16.96
CA TRP B 83 33.73 -0.89 15.64
C TRP B 83 33.17 0.18 14.73
N VAL B 84 32.33 1.08 15.24
CA VAL B 84 31.66 2.04 14.37
C VAL B 84 32.59 2.97 13.65
N PRO B 85 33.53 3.68 14.35
CA PRO B 85 34.46 4.56 13.61
C PRO B 85 35.34 3.83 12.62
N PHE B 86 35.75 2.59 12.94
CA PHE B 86 36.48 1.77 11.98
C PHE B 86 35.67 1.58 10.69
N CYS B 87 34.41 1.15 10.84
CA CYS B 87 33.56 0.94 9.66
C CYS B 87 33.39 2.22 8.86
N LYS B 88 33.21 3.36 9.53
CA LYS B 88 32.95 4.55 8.72
C LYS B 88 34.24 5.06 8.06
N LYS B 89 35.38 4.94 8.75
CA LYS B 89 36.65 5.36 8.17
C LYS B 89 36.96 4.59 6.89
N TYR B 90 36.75 3.27 6.90
CA TYR B 90 37.18 2.43 5.79
C TYR B 90 36.04 1.97 4.89
N SER B 91 34.83 2.52 5.05
CA SER B 91 33.66 2.18 4.21
C SER B 91 33.41 0.66 4.20
N ILE B 92 33.36 0.09 5.40
CA ILE B 92 33.21 -1.34 5.57
C ILE B 92 31.79 -1.78 5.23
N GLU B 93 31.66 -2.94 4.58
CA GLU B 93 30.38 -3.62 4.36
C GLU B 93 30.59 -5.13 4.40
N PRO B 94 29.68 -5.90 5.00
CA PRO B 94 28.58 -5.41 5.86
C PRO B 94 29.13 -5.02 7.23
N ARG B 95 28.40 -4.23 8.02
CA ARG B 95 28.90 -3.76 9.29
C ARG B 95 28.46 -4.64 10.46
N ALA B 96 28.20 -5.92 10.18
CA ALA B 96 28.05 -6.95 11.19
C ALA B 96 29.37 -7.71 11.22
N PRO B 97 30.16 -7.60 12.30
CA PRO B 97 31.57 -8.07 12.23
C PRO B 97 31.71 -9.54 11.90
N GLU B 98 30.81 -10.41 12.38
CA GLU B 98 30.91 -11.83 12.05
C GLU B 98 30.94 -12.04 10.54
N TRP B 99 30.10 -11.31 9.82
CA TRP B 99 30.03 -11.52 8.39
C TRP B 99 31.13 -10.80 7.65
N TYR B 100 31.52 -9.61 8.14
CA TYR B 100 32.64 -8.92 7.51
C TYR B 100 33.90 -9.77 7.60
N PHE B 101 34.23 -10.25 8.80
CA PHE B 101 35.46 -11.03 8.97
C PHE B 101 35.36 -12.42 8.37
N ALA B 102 34.15 -12.89 8.03
CA ALA B 102 34.11 -14.15 7.29
C ALA B 102 34.47 -13.97 5.82
N ALA B 103 34.33 -12.77 5.29
CA ALA B 103 34.58 -12.52 3.87
C ALA B 103 36.07 -12.44 3.56
N LYS B 104 36.47 -13.04 2.44
CA LYS B 104 37.87 -12.99 2.04
C LYS B 104 38.19 -11.59 1.58
N ILE B 105 39.35 -11.10 1.98
CA ILE B 105 39.75 -9.73 1.68
C ILE B 105 40.80 -9.73 0.58
N ASP B 106 40.66 -8.78 -0.34
CA ASP B 106 41.50 -8.66 -1.53
C ASP B 106 42.39 -7.43 -1.37
N TYR B 107 43.64 -7.65 -0.97
CA TYR B 107 44.59 -6.53 -0.89
C TYR B 107 45.14 -6.16 -2.24
N LEU B 108 44.94 -7.02 -3.24
CA LEU B 108 45.49 -6.79 -4.56
C LEU B 108 44.71 -5.75 -5.39
N LYS B 109 43.40 -5.48 -5.17
CA LYS B 109 42.78 -4.47 -6.05
C LYS B 109 43.54 -3.27 -5.58
N ASP B 110 43.41 -2.15 -6.29
CA ASP B 110 43.39 -0.81 -5.65
C ASP B 110 44.30 -0.53 -4.44
N LYS B 111 44.93 0.63 -4.41
CA LYS B 111 45.80 0.94 -3.29
C LYS B 111 45.05 0.94 -1.95
N VAL B 112 45.64 0.26 -0.97
CA VAL B 112 45.07 0.10 0.36
C VAL B 112 45.92 0.97 1.28
N GLN B 113 45.30 1.50 2.34
CA GLN B 113 45.99 2.45 3.19
C GLN B 113 47.09 1.86 4.09
N THR B 114 47.15 0.53 4.28
CA THR B 114 48.22 -0.13 5.06
C THR B 114 48.17 0.26 6.53
N SER B 115 47.92 1.55 6.80
CA SER B 115 47.32 1.88 8.08
C SER B 115 46.01 1.13 8.23
N PHE B 116 45.33 0.87 7.10
CA PHE B 116 44.15 0.02 7.09
C PHE B 116 44.49 -1.39 7.53
N VAL B 117 45.60 -1.96 7.05
CA VAL B 117 45.95 -3.33 7.41
C VAL B 117 46.21 -3.43 8.91
N LYS B 118 46.94 -2.45 9.45
CA LYS B 118 47.19 -2.39 10.89
C LYS B 118 45.87 -2.30 11.66
N ASP B 119 45.00 -1.36 11.26
CA ASP B 119 43.73 -1.15 11.93
C ASP B 119 42.85 -2.40 11.87
N ARG B 120 42.83 -3.09 10.72
CA ARG B 120 41.99 -4.27 10.57
C ARG B 120 42.50 -5.43 11.41
N ARG B 121 43.82 -5.66 11.45
CA ARG B 121 44.32 -6.73 12.30
C ARG B 121 43.96 -6.47 13.75
N ALA B 122 44.09 -5.21 14.18
CA ALA B 122 43.73 -4.90 15.58
C ALA B 122 42.22 -5.04 15.80
N MET B 123 41.41 -4.61 14.84
CA MET B 123 39.97 -4.75 14.99
C MET B 123 39.55 -6.22 15.05
N LYS B 124 40.16 -7.08 14.23
CA LYS B 124 39.79 -8.50 14.28
C LYS B 124 40.19 -9.10 15.62
N ARG B 125 41.31 -8.64 16.19
CA ARG B 125 41.66 -9.12 17.53
C ARG B 125 40.63 -8.64 18.56
N GLU B 126 40.19 -7.38 18.43
CA GLU B 126 39.21 -6.86 19.36
C GLU B 126 37.88 -7.63 19.26
N TYR B 127 37.48 -7.98 18.03
CA TYR B 127 36.26 -8.76 17.82
C TYR B 127 36.39 -10.16 18.41
N GLU B 128 37.56 -10.78 18.28
CA GLU B 128 37.79 -12.10 18.88
C GLU B 128 37.67 -12.04 20.40
N GLU B 129 38.24 -10.99 21.01
CA GLU B 129 38.16 -10.89 22.47
C GLU B 129 36.74 -10.58 22.92
N PHE B 130 36.02 -9.76 22.15
CA PHE B 130 34.61 -9.53 22.39
C PHE B 130 33.84 -10.84 22.40
N LYS B 131 34.08 -11.68 21.38
CA LYS B 131 33.39 -12.96 21.31
C LYS B 131 33.70 -13.84 22.52
N ILE B 132 34.96 -13.84 22.97
CA ILE B 132 35.30 -14.64 24.14
C ILE B 132 34.55 -14.13 25.37
N ARG B 133 34.44 -12.81 25.55
CA ARG B 133 33.69 -12.30 26.70
C ARG B 133 32.21 -12.69 26.61
N ILE B 134 31.64 -12.68 25.40
CA ILE B 134 30.23 -13.05 25.25
C ILE B 134 30.04 -14.52 25.57
N ASN B 135 30.94 -15.37 25.06
CA ASN B 135 30.92 -16.80 25.40
C ASN B 135 30.97 -17.01 26.91
N ALA B 136 31.83 -16.27 27.62
CA ALA B 136 31.90 -16.43 29.07
C ALA B 136 30.60 -16.00 29.73
N LEU B 137 29.94 -14.96 29.19
CA LEU B 137 28.64 -14.61 29.74
C LEU B 137 27.64 -15.73 29.54
N VAL B 138 27.66 -16.35 28.35
CA VAL B 138 26.73 -17.45 28.08
C VAL B 138 26.99 -18.63 29.02
N SER B 139 28.27 -18.99 29.23
CA SER B 139 28.60 -20.07 30.17
C SER B 139 28.12 -19.73 31.57
N LYS B 140 28.41 -18.51 32.04
CA LYS B 140 27.99 -18.09 33.37
C LYS B 140 26.48 -18.19 33.54
N ALA B 141 25.71 -17.93 32.47
CA ALA B 141 24.26 -18.04 32.60
C ALA B 141 23.80 -19.47 32.85
N LEU B 142 24.64 -20.47 32.54
CA LEU B 142 24.22 -21.86 32.67
C LEU B 142 23.85 -22.22 34.11
N LYS B 143 24.46 -21.60 35.10
CA LYS B 143 24.29 -22.14 36.45
C LYS B 143 23.99 -20.99 37.42
N CYS B 144 22.71 -20.84 37.77
CA CYS B 144 22.28 -19.75 38.63
C CYS B 144 22.78 -19.98 40.06
N PRO B 145 23.38 -18.98 40.69
CA PRO B 145 23.71 -19.07 42.12
C PRO B 145 22.49 -19.07 43.02
N GLU B 146 22.75 -19.44 44.27
CA GLU B 146 21.70 -19.57 45.27
C GLU B 146 21.08 -18.22 45.56
N GLU B 147 21.88 -17.15 45.59
CA GLU B 147 21.33 -15.83 45.77
C GLU B 147 20.73 -15.23 44.47
N GLY B 148 20.65 -16.01 43.38
CA GLY B 148 20.11 -15.47 42.15
C GLY B 148 21.15 -14.62 41.41
N TRP B 149 20.71 -13.97 40.34
CA TRP B 149 21.65 -13.20 39.56
C TRP B 149 21.85 -11.85 40.22
N VAL B 150 23.09 -11.43 40.31
CA VAL B 150 23.48 -10.16 40.90
C VAL B 150 24.31 -9.47 39.82
N MET B 151 24.17 -8.15 39.72
CA MET B 151 24.76 -7.45 38.58
C MET B 151 26.21 -7.05 38.87
N GLN B 152 26.79 -6.35 37.89
CA GLN B 152 28.20 -5.96 37.90
C GLN B 152 28.61 -5.32 39.23
N ASP B 153 27.95 -4.23 39.62
CA ASP B 153 28.19 -3.66 40.94
C ASP B 153 27.55 -4.56 42.00
N GLY B 154 26.70 -3.99 42.85
CA GLY B 154 26.28 -4.72 44.03
C GLY B 154 24.82 -5.14 43.92
N THR B 155 24.10 -4.47 43.04
CA THR B 155 22.65 -4.58 42.99
C THR B 155 22.19 -5.91 42.40
N PRO B 156 21.12 -6.49 42.95
CA PRO B 156 20.56 -7.71 42.36
C PRO B 156 19.81 -7.42 41.06
N TRP B 157 19.84 -8.39 40.16
CA TRP B 157 19.13 -8.27 38.90
C TRP B 157 17.62 -8.25 39.16
N PRO B 158 16.90 -7.21 38.74
CA PRO B 158 15.45 -7.15 39.02
C PRO B 158 14.62 -8.20 38.30
N GLY B 159 15.20 -8.98 37.40
CA GLY B 159 14.46 -9.95 36.63
C GLY B 159 14.67 -11.41 36.98
N ASN B 160 14.91 -11.72 38.26
CA ASN B 160 15.12 -13.11 38.66
C ASN B 160 13.91 -13.99 38.33
N ASN B 161 12.69 -13.46 38.44
CA ASN B 161 11.48 -14.18 38.03
C ASN B 161 10.93 -13.62 36.71
N THR B 162 10.95 -14.46 35.66
CA THR B 162 10.56 -14.02 34.32
C THR B 162 9.10 -13.57 34.26
N ARG B 163 8.24 -14.08 35.13
CA ARG B 163 6.84 -13.70 35.09
C ARG B 163 6.47 -12.62 36.10
N ASP B 164 7.44 -12.08 36.85
CA ASP B 164 7.12 -11.22 37.98
C ASP B 164 8.31 -10.30 38.24
N HIS B 165 8.35 -9.16 37.54
CA HIS B 165 9.49 -8.26 37.64
C HIS B 165 9.06 -6.89 37.18
N PRO B 166 9.67 -5.83 37.69
CA PRO B 166 9.30 -4.48 37.28
C PRO B 166 9.79 -4.16 35.86
N GLY B 167 9.28 -3.06 35.33
CA GLY B 167 9.78 -2.56 34.05
C GLY B 167 11.17 -2.00 34.20
N MET B 168 12.00 -2.23 33.17
CA MET B 168 13.41 -1.89 33.18
C MET B 168 13.77 -1.14 31.89
N ILE B 169 14.51 -0.05 32.01
CA ILE B 169 15.00 0.67 30.84
C ILE B 169 16.43 1.14 31.14
N GLN B 170 17.32 0.95 30.17
CA GLN B 170 18.70 1.42 30.28
C GLN B 170 19.16 1.99 28.95
N VAL B 171 19.61 3.24 28.95
CA VAL B 171 20.13 3.90 27.76
C VAL B 171 21.65 3.80 27.74
N PHE B 172 22.20 3.26 26.66
CA PHE B 172 23.62 3.20 26.35
C PHE B 172 23.92 4.15 25.20
N LEU B 173 25.18 4.58 25.14
CA LEU B 173 25.67 5.45 24.06
C LEU B 173 24.81 6.69 23.95
N GLY B 174 24.57 7.16 22.72
CA GLY B 174 23.81 8.39 22.52
C GLY B 174 24.59 9.58 23.05
N GLN B 175 23.90 10.71 23.16
CA GLN B 175 24.56 11.95 23.56
C GLN B 175 25.22 11.85 24.93
N ASN B 176 24.62 11.11 25.86
CA ASN B 176 25.09 11.13 27.23
C ASN B 176 25.83 9.85 27.60
N GLY B 177 26.20 9.04 26.61
CA GLY B 177 26.95 7.82 26.83
C GLY B 177 28.39 7.98 26.38
N GLY B 178 29.07 6.85 26.26
CA GLY B 178 30.45 6.88 25.86
C GLY B 178 30.65 7.32 24.42
N LEU B 179 31.77 7.98 24.17
CA LEU B 179 32.12 8.40 22.83
C LEU B 179 32.90 7.28 22.16
N ASP B 180 32.92 7.30 20.83
CA ASP B 180 33.68 6.29 20.09
C ASP B 180 35.16 6.64 20.10
N ALA B 181 35.97 5.80 19.45
CA ALA B 181 37.43 5.94 19.59
C ALA B 181 37.96 7.21 18.95
N GLU B 182 37.18 7.89 18.14
CA GLU B 182 37.59 9.17 17.57
C GLU B 182 36.95 10.35 18.28
N GLY B 183 36.30 10.11 19.44
CA GLY B 183 35.67 11.17 20.21
C GLY B 183 34.27 11.60 19.77
N ASN B 184 33.58 10.80 18.96
CA ASN B 184 32.26 11.16 18.44
C ASN B 184 31.14 10.37 19.10
N GLU B 185 29.98 11.01 19.22
CA GLU B 185 28.81 10.36 19.80
C GLU B 185 28.34 9.22 18.89
N LEU B 186 27.71 8.23 19.50
CA LEU B 186 27.12 7.11 18.78
C LEU B 186 25.60 7.16 18.89
N PRO B 187 24.88 6.39 18.07
CA PRO B 187 23.43 6.35 18.24
C PRO B 187 23.05 5.72 19.56
N ARG B 188 21.91 6.16 20.12
CA ARG B 188 21.39 5.59 21.36
C ARG B 188 21.07 4.11 21.19
N LEU B 189 21.37 3.35 22.22
CA LEU B 189 21.00 1.94 22.30
C LEU B 189 20.23 1.75 23.59
N VAL B 190 18.97 1.34 23.52
CA VAL B 190 18.08 1.32 24.67
C VAL B 190 17.66 -0.12 24.95
N TYR B 191 18.01 -0.60 26.14
CA TYR B 191 17.49 -1.86 26.64
C TYR B 191 16.12 -1.61 27.29
N VAL B 192 15.11 -2.38 26.89
CA VAL B 192 13.75 -2.25 27.41
C VAL B 192 13.24 -3.62 27.81
N SER B 193 12.82 -3.76 29.06
CA SER B 193 12.11 -4.96 29.48
C SER B 193 10.81 -4.56 30.18
N ARG B 194 9.68 -4.67 29.49
CA ARG B 194 8.42 -4.22 30.06
C ARG B 194 8.05 -5.04 31.30
N GLU B 195 7.25 -4.41 32.17
CA GLU B 195 6.85 -5.03 33.43
C GLU B 195 6.06 -6.32 33.18
N LYS B 196 6.30 -7.33 34.03
CA LYS B 196 5.57 -8.58 33.97
C LYS B 196 5.05 -8.95 35.36
N ARG B 197 3.75 -9.25 35.47
CA ARG B 197 3.15 -9.65 36.76
C ARG B 197 2.16 -10.78 36.52
N PRO B 198 2.15 -11.79 37.40
CA PRO B 198 1.18 -12.89 37.22
C PRO B 198 -0.23 -12.36 37.09
N GLY B 199 -1.00 -12.96 36.17
CA GLY B 199 -2.35 -12.53 35.90
C GLY B 199 -2.50 -11.46 34.85
N PHE B 200 -1.40 -10.89 34.37
CA PHE B 200 -1.47 -9.89 33.31
C PHE B 200 -1.00 -10.46 31.98
N GLN B 201 -1.92 -10.35 31.04
CA GLN B 201 -1.84 -10.53 29.61
C GLN B 201 -0.62 -9.79 29.06
N HIS B 202 0.34 -10.47 28.39
CA HIS B 202 1.41 -9.66 27.79
C HIS B 202 1.44 -9.69 26.26
N HIS B 203 0.70 -10.60 25.62
CA HIS B 203 0.49 -10.63 24.17
C HIS B 203 1.78 -10.81 23.37
N LYS B 204 2.84 -11.28 24.00
CA LYS B 204 4.06 -11.70 23.27
C LYS B 204 4.61 -10.54 22.44
N LYS B 205 5.07 -10.81 21.22
CA LYS B 205 5.73 -9.78 20.41
C LYS B 205 4.82 -8.57 20.20
N ALA B 206 3.53 -8.78 20.00
CA ALA B 206 2.64 -7.65 19.73
C ALA B 206 2.63 -6.67 20.91
N GLY B 207 2.55 -7.21 22.13
CA GLY B 207 2.59 -6.35 23.31
C GLY B 207 3.95 -5.68 23.46
N ALA B 208 5.03 -6.42 23.15
CA ALA B 208 6.36 -5.79 23.19
C ALA B 208 6.47 -4.65 22.17
N MET B 209 5.96 -4.86 20.96
CA MET B 209 6.06 -3.82 19.94
C MET B 209 5.28 -2.59 20.34
N ASN B 210 4.10 -2.77 20.93
CA ASN B 210 3.30 -1.62 21.39
C ASN B 210 4.02 -0.87 22.52
N ALA B 211 4.60 -1.60 23.48
CA ALA B 211 5.43 -0.94 24.49
C ALA B 211 6.58 -0.18 23.85
N LEU B 212 7.21 -0.76 22.83
CA LEU B 212 8.31 -0.04 22.18
C LEU B 212 7.83 1.20 21.44
N VAL B 213 6.61 1.16 20.87
CA VAL B 213 6.06 2.35 20.23
C VAL B 213 6.00 3.48 21.23
N ARG B 214 5.57 3.16 22.46
CA ARG B 214 5.40 4.19 23.49
C ARG B 214 6.74 4.62 24.12
N VAL B 215 7.61 3.67 24.46
CA VAL B 215 8.94 4.05 24.97
C VAL B 215 9.66 4.97 23.98
N SER B 216 9.75 4.55 22.71
CA SER B 216 10.45 5.38 21.73
C SER B 216 9.78 6.73 21.59
N ALA B 217 8.44 6.77 21.65
CA ALA B 217 7.75 8.06 21.55
C ALA B 217 8.13 8.98 22.70
N VAL B 218 8.38 8.41 23.89
CA VAL B 218 8.78 9.23 25.03
C VAL B 218 10.23 9.70 24.88
N LEU B 219 11.11 8.84 24.38
CA LEU B 219 12.53 9.17 24.43
C LEU B 219 13.06 9.88 23.20
N THR B 220 12.58 9.53 21.99
CA THR B 220 13.03 10.12 20.73
C THR B 220 11.90 10.55 19.81
N ASN B 221 10.88 9.72 19.63
CA ASN B 221 9.71 10.08 18.82
C ASN B 221 10.11 10.37 17.37
N GLY B 222 10.88 9.46 16.79
CA GLY B 222 11.21 9.57 15.39
C GLY B 222 9.96 9.43 14.53
N PRO B 223 9.87 10.22 13.46
CA PRO B 223 8.73 10.09 12.54
C PRO B 223 8.66 8.75 11.83
N PHE B 224 9.75 8.00 11.79
CA PHE B 224 9.77 6.72 11.12
C PHE B 224 10.20 5.62 12.07
N ILE B 225 9.64 4.43 11.83
CA ILE B 225 9.87 3.25 12.64
C ILE B 225 10.29 2.14 11.70
N LEU B 226 11.19 1.28 12.17
CA LEU B 226 11.61 0.10 11.43
C LEU B 226 11.76 -1.05 12.42
N ASN B 227 11.20 -2.22 12.11
CA ASN B 227 11.25 -3.39 12.99
C ASN B 227 12.11 -4.47 12.31
N LEU B 228 13.21 -4.86 12.96
CA LEU B 228 14.08 -5.91 12.45
C LEU B 228 14.08 -7.11 13.38
N ASP B 229 14.10 -8.31 12.81
CA ASP B 229 14.35 -9.50 13.63
C ASP B 229 15.76 -9.44 14.21
N CYS B 230 15.98 -10.14 15.33
CA CYS B 230 17.28 -10.02 16.00
C CYS B 230 18.41 -10.64 15.19
N ASP B 231 18.11 -11.42 14.15
CA ASP B 231 19.14 -11.95 13.25
C ASP B 231 19.20 -11.25 11.91
N HIS B 232 18.42 -10.18 11.70
CA HIS B 232 18.38 -9.51 10.39
C HIS B 232 19.29 -8.28 10.45
N TYR B 233 20.59 -8.54 10.30
CA TYR B 233 21.56 -7.43 10.30
C TYR B 233 21.46 -6.61 9.02
N ILE B 234 21.76 -5.32 9.14
CA ILE B 234 21.74 -4.43 7.98
C ILE B 234 22.95 -4.73 7.10
N ASN B 235 22.68 -5.17 5.87
CA ASN B 235 23.72 -5.60 4.94
C ASN B 235 24.34 -4.43 4.20
N ASN B 236 23.60 -3.34 4.03
CA ASN B 236 24.03 -2.16 3.28
C ASN B 236 23.89 -0.95 4.19
N SER B 237 25.02 -0.36 4.57
CA SER B 237 25.01 0.74 5.52
C SER B 237 24.26 1.97 5.01
N LYS B 238 23.99 2.06 3.71
CA LYS B 238 23.21 3.16 3.16
C LYS B 238 21.71 2.86 3.11
N ALA B 239 21.24 1.81 3.79
CA ALA B 239 19.85 1.38 3.64
C ALA B 239 18.87 2.46 4.08
N LEU B 240 19.16 3.16 5.19
CA LEU B 240 18.24 4.20 5.64
C LEU B 240 18.22 5.39 4.68
N ARG B 241 19.40 5.79 4.15
CA ARG B 241 19.42 6.89 3.18
C ARG B 241 18.64 6.55 1.93
N GLU B 242 18.81 5.32 1.43
CA GLU B 242 18.01 4.88 0.30
C GLU B 242 16.53 4.94 0.62
N ALA B 243 16.13 4.51 1.83
CA ALA B 243 14.72 4.60 2.20
C ALA B 243 14.22 6.04 2.19
N MET B 244 15.03 6.97 2.73
CA MET B 244 14.60 8.36 2.78
C MET B 244 14.51 8.98 1.38
N CYS B 245 15.28 8.46 0.43
CA CYS B 245 15.14 8.99 -0.93
C CYS B 245 13.72 8.79 -1.46
N PHE B 246 13.03 7.72 -1.04
CA PHE B 246 11.63 7.56 -1.40
C PHE B 246 10.70 8.26 -0.41
N LEU B 247 10.95 8.12 0.88
CA LEU B 247 9.99 8.55 1.91
C LEU B 247 9.87 10.06 2.06
N MET B 248 10.88 10.84 1.66
CA MET B 248 10.78 12.29 1.84
C MET B 248 10.36 13.00 0.57
N ASP B 249 11.29 13.14 -0.36
CA ASP B 249 11.03 13.70 -1.69
C ASP B 249 10.63 15.18 -1.62
N ARG B 277 12.86 -6.33 -7.12
CA ARG B 277 12.32 -5.01 -6.85
C ARG B 277 11.64 -4.98 -5.48
N ASN B 278 11.71 -3.84 -4.78
CA ASN B 278 11.32 -3.82 -3.38
C ASN B 278 9.97 -3.14 -3.14
N THR B 279 9.42 -3.45 -1.97
CA THR B 279 8.08 -3.04 -1.60
C THR B 279 8.04 -1.58 -1.17
N VAL B 280 7.07 -0.85 -1.71
CA VAL B 280 6.93 0.58 -1.58
C VAL B 280 5.45 0.95 -1.46
N PHE B 281 5.15 1.98 -0.67
CA PHE B 281 3.78 2.45 -0.48
C PHE B 281 3.80 3.92 -0.11
N PHE B 282 2.97 4.71 -0.79
CA PHE B 282 2.74 6.11 -0.43
C PHE B 282 1.28 6.45 -0.69
N ASP B 283 0.66 7.17 0.25
CA ASP B 283 -0.75 7.51 0.12
C ASP B 283 -1.03 8.66 1.08
N ILE B 284 -1.59 9.75 0.56
CA ILE B 284 -2.19 10.78 1.39
C ILE B 284 -3.68 10.57 1.30
N ASN B 285 -4.28 10.06 2.37
CA ASN B 285 -5.65 9.61 2.24
C ASN B 285 -6.48 10.87 2.46
N LEU B 286 -7.12 11.41 1.42
CA LEU B 286 -8.20 12.34 1.81
C LEU B 286 -9.37 11.52 2.32
N ARG B 287 -10.64 11.87 2.07
CA ARG B 287 -11.62 10.93 2.64
C ARG B 287 -12.20 10.02 1.57
N GLY B 288 -13.48 9.63 1.69
CA GLY B 288 -14.11 8.50 1.04
C GLY B 288 -13.79 8.09 -0.39
N LEU B 289 -13.95 6.78 -0.63
CA LEU B 289 -14.11 6.03 -1.89
C LEU B 289 -13.00 6.26 -2.91
N ASP B 290 -12.30 7.37 -2.83
CA ASP B 290 -11.15 7.58 -3.69
C ASP B 290 -9.92 6.91 -3.07
N GLY B 291 -9.05 6.34 -3.92
CA GLY B 291 -7.74 5.87 -3.48
C GLY B 291 -7.74 4.55 -2.70
N ILE B 292 -6.68 4.39 -1.91
CA ILE B 292 -6.55 3.19 -1.07
C ILE B 292 -7.56 3.25 0.05
N GLN B 293 -8.34 2.19 0.21
CA GLN B 293 -9.42 2.12 1.17
C GLN B 293 -9.01 1.24 2.34
N GLY B 294 -9.18 1.77 3.55
CA GLY B 294 -8.98 1.03 4.77
C GLY B 294 -7.51 0.96 5.18
N PRO B 295 -7.21 0.16 6.21
CA PRO B 295 -5.86 0.14 6.76
C PRO B 295 -4.93 -0.76 5.98
N VAL B 296 -3.62 -0.52 6.18
CA VAL B 296 -2.57 -1.38 5.66
C VAL B 296 -1.74 -1.88 6.84
N TYR B 297 -1.26 -3.11 6.77
CA TYR B 297 -0.52 -3.68 7.88
C TYR B 297 0.92 -4.01 7.47
N VAL B 298 1.87 -3.69 8.35
CA VAL B 298 3.29 -3.79 8.00
C VAL B 298 4.05 -4.56 9.07
N GLY B 299 4.87 -5.53 8.65
CA GLY B 299 5.69 -6.30 9.57
C GLY B 299 7.14 -5.86 9.54
N THR B 300 8.05 -6.84 9.49
CA THR B 300 9.47 -6.60 9.69
C THR B 300 10.14 -6.10 8.41
N GLY B 301 11.19 -5.32 8.60
CA GLY B 301 12.03 -4.91 7.50
C GLY B 301 11.52 -3.74 6.72
N CYS B 302 10.53 -3.01 7.23
CA CYS B 302 9.98 -1.87 6.51
C CYS B 302 10.04 -0.61 7.36
N VAL B 303 10.60 0.45 6.78
CA VAL B 303 10.51 1.80 7.34
C VAL B 303 9.12 2.35 7.06
N PHE B 304 8.43 2.81 8.08
CA PHE B 304 7.09 3.35 7.90
C PHE B 304 6.91 4.54 8.83
N ASN B 305 5.94 5.39 8.52
CA ASN B 305 5.79 6.63 9.28
C ASN B 305 4.98 6.39 10.54
N ARG B 306 5.47 6.94 11.66
CA ARG B 306 4.88 6.67 12.97
C ARG B 306 3.43 7.13 13.05
N THR B 307 3.13 8.33 12.55
CA THR B 307 1.79 8.91 12.77
C THR B 307 0.68 8.10 12.12
N ALA B 308 0.97 7.27 11.13
CA ALA B 308 -0.06 6.39 10.59
C ALA B 308 -0.61 5.45 11.64
N LEU B 309 0.16 5.14 12.69
CA LEU B 309 -0.33 4.29 13.75
C LEU B 309 -1.40 4.99 14.57
N TYR B 310 -1.35 6.31 14.66
CA TYR B 310 -2.23 7.00 15.59
C TYR B 310 -3.54 7.46 14.95
N GLY B 311 -3.82 7.03 13.72
CA GLY B 311 -4.87 7.61 12.93
C GLY B 311 -6.23 7.37 13.54
N TYR B 312 -6.92 6.35 13.04
CA TYR B 312 -8.12 5.79 13.67
C TYR B 312 -9.23 6.80 13.93
N SER B 320 -11.49 10.77 23.72
CA SER B 320 -10.76 11.32 24.86
C SER B 320 -9.26 11.40 24.64
N LEU B 321 -8.75 10.63 23.67
CA LEU B 321 -7.30 10.48 23.46
C LEU B 321 -6.66 9.81 24.68
N GLU B 322 -6.77 10.46 25.84
CA GLU B 322 -6.24 9.91 27.08
C GLU B 322 -6.73 8.51 27.37
N LYS B 323 -7.82 8.09 26.74
CA LYS B 323 -8.28 6.72 26.95
C LYS B 323 -8.21 5.85 25.73
N ARG B 324 -8.14 6.44 24.52
CA ARG B 324 -7.69 5.61 23.41
C ARG B 324 -6.24 5.20 23.60
N PHE B 325 -5.40 6.11 24.10
CA PHE B 325 -3.95 5.92 24.17
C PHE B 325 -3.40 5.51 25.54
N GLY B 326 -4.22 5.48 26.58
CA GLY B 326 -3.71 5.25 27.93
C GLY B 326 -3.38 6.54 28.67
N GLN B 327 -3.11 6.37 29.97
CA GLN B 327 -3.01 7.52 30.88
C GLN B 327 -1.58 8.07 30.91
N SER B 328 -1.08 8.53 29.78
CA SER B 328 0.21 9.20 29.77
C SER B 328 0.07 10.53 29.04
N ALA B 329 0.11 11.64 29.79
CA ALA B 329 0.08 12.95 29.16
C ALA B 329 1.27 13.12 28.21
N VAL B 330 2.44 12.67 28.63
CA VAL B 330 3.64 12.85 27.81
C VAL B 330 3.50 12.10 26.49
N PHE B 331 2.96 10.87 26.52
CA PHE B 331 2.83 10.13 25.27
C PHE B 331 1.82 10.77 24.32
N VAL B 332 0.65 11.16 24.83
CA VAL B 332 -0.36 11.75 23.97
C VAL B 332 0.15 13.05 23.38
N ALA B 333 0.85 13.85 24.18
CA ALA B 333 1.50 15.04 23.64
C ALA B 333 2.47 14.67 22.51
N SER B 334 3.17 13.53 22.65
CA SER B 334 4.09 13.13 21.59
C SER B 334 3.35 12.77 20.30
N THR B 335 2.15 12.18 20.40
CA THR B 335 1.45 11.82 19.18
C THR B 335 0.99 13.02 18.37
N LEU B 336 1.01 14.22 18.95
CA LEU B 336 0.50 15.42 18.32
C LEU B 336 1.61 16.28 17.74
N MET B 337 2.86 15.87 17.82
CA MET B 337 3.97 16.72 17.44
C MET B 337 4.34 16.56 15.98
N GLU B 338 4.14 17.65 15.23
CA GLU B 338 5.09 18.19 14.23
C GLU B 338 5.64 17.06 13.35
N ASN B 339 6.97 16.99 13.19
CA ASN B 339 7.78 15.96 12.58
C ASN B 339 8.54 15.29 13.72
N GLY B 340 7.82 14.90 14.78
CA GLY B 340 8.39 14.11 15.86
C GLY B 340 9.17 14.93 16.88
N GLY B 341 10.10 14.26 17.54
CA GLY B 341 10.93 14.88 18.56
C GLY B 341 10.28 14.88 19.94
N VAL B 342 11.06 15.29 20.94
CA VAL B 342 10.64 15.39 22.32
C VAL B 342 10.78 16.84 22.74
N PRO B 343 10.01 17.33 23.70
CA PRO B 343 10.13 18.73 24.12
C PRO B 343 11.46 19.01 24.79
N PRO B 344 12.17 20.05 24.40
CA PRO B 344 13.21 20.55 25.29
C PRO B 344 12.57 20.92 26.62
N SER B 345 13.41 21.02 27.67
CA SER B 345 12.99 21.11 29.07
C SER B 345 12.62 19.72 29.58
N ALA B 346 13.29 18.70 29.06
CA ALA B 346 13.11 17.32 29.50
C ALA B 346 14.46 16.78 29.92
N THR B 347 14.56 16.33 31.14
CA THR B 347 15.81 15.69 31.54
C THR B 347 15.76 14.20 31.20
N PRO B 348 16.91 13.57 30.92
CA PRO B 348 16.93 12.12 30.61
C PRO B 348 16.21 11.22 31.63
N GLU B 349 16.33 11.54 32.91
CA GLU B 349 15.69 10.82 34.01
C GLU B 349 14.19 11.10 34.21
N ASN B 350 13.69 12.33 34.01
CA ASN B 350 12.22 12.49 33.94
C ASN B 350 11.65 11.71 32.75
N LEU B 351 12.35 11.77 31.61
CA LEU B 351 11.93 10.98 30.45
C LEU B 351 11.99 9.48 30.78
N LEU B 352 13.02 9.04 31.49
CA LEU B 352 13.12 7.64 31.87
C LEU B 352 11.95 7.23 32.76
N LYS B 353 11.58 8.11 33.69
CA LYS B 353 10.43 7.86 34.54
C LYS B 353 9.16 7.68 33.71
N GLU B 354 8.93 8.59 32.75
CA GLU B 354 7.74 8.49 31.91
C GLU B 354 7.77 7.23 31.05
N ALA B 355 8.97 6.87 30.56
CA ALA B 355 9.15 5.67 29.75
C ALA B 355 8.84 4.41 30.56
N ILE B 356 9.26 4.37 31.84
CA ILE B 356 8.88 3.24 32.70
C ILE B 356 7.37 3.19 32.87
N HIS B 357 6.75 4.36 33.07
CA HIS B 357 5.30 4.37 33.24
C HIS B 357 4.60 3.74 32.04
N VAL B 358 5.07 4.04 30.82
CA VAL B 358 4.32 3.55 29.65
C VAL B 358 4.55 2.06 29.36
N ILE B 359 5.41 1.37 30.12
CA ILE B 359 5.59 -0.08 29.98
C ILE B 359 5.07 -0.86 31.19
N SER B 360 4.35 -0.20 32.10
CA SER B 360 3.75 -0.92 33.23
C SER B 360 2.71 -1.93 32.71
N CYS B 361 2.55 -3.03 33.46
CA CYS B 361 1.81 -4.19 32.92
C CYS B 361 0.32 -3.92 32.75
N GLY B 362 -0.23 -2.94 33.45
CA GLY B 362 -1.62 -2.57 33.27
C GLY B 362 -1.85 -1.36 32.40
N TYR B 363 -0.81 -0.86 31.71
CA TYR B 363 -0.92 0.44 31.05
C TYR B 363 -2.04 0.45 30.01
N GLU B 364 -2.22 -0.63 29.27
CA GLU B 364 -3.13 -0.62 28.13
C GLU B 364 -4.59 -0.85 28.52
N ASP B 365 -4.89 -1.09 29.79
CA ASP B 365 -6.25 -1.43 30.19
C ASP B 365 -7.24 -0.30 29.85
N LYS B 366 -8.34 -0.69 29.21
CA LYS B 366 -9.42 0.20 28.75
C LYS B 366 -9.00 1.14 27.63
N SER B 367 -7.83 0.92 27.02
CA SER B 367 -7.36 1.70 25.90
C SER B 367 -7.55 0.89 24.60
N ASP B 368 -7.21 1.51 23.48
CA ASP B 368 -7.33 0.85 22.18
C ASP B 368 -6.08 0.12 21.74
N TRP B 369 -4.99 0.19 22.51
CA TRP B 369 -3.77 -0.52 22.15
C TRP B 369 -4.05 -1.98 21.86
N GLY B 370 -3.48 -2.49 20.77
CA GLY B 370 -3.72 -3.86 20.36
C GLY B 370 -5.12 -4.13 19.83
N MET B 371 -6.05 -3.18 19.96
CA MET B 371 -7.40 -3.31 19.42
C MET B 371 -7.51 -2.56 18.10
N GLU B 372 -7.24 -1.25 18.14
CA GLU B 372 -7.25 -0.45 16.93
C GLU B 372 -5.95 0.29 16.68
N ILE B 373 -5.00 0.29 17.61
CA ILE B 373 -3.79 1.09 17.45
C ILE B 373 -2.56 0.29 17.84
N GLY B 374 -1.51 0.40 17.01
CA GLY B 374 -0.29 -0.37 17.15
C GLY B 374 -0.35 -1.72 16.46
N TRP B 375 0.38 -2.69 16.99
CA TRP B 375 0.30 -4.08 16.56
C TRP B 375 -0.94 -4.70 17.18
N ILE B 376 -1.73 -5.42 16.39
CA ILE B 376 -3.08 -5.80 16.81
C ILE B 376 -3.04 -7.20 17.42
N TYR B 377 -3.74 -7.36 18.55
CA TYR B 377 -3.77 -8.64 19.22
C TYR B 377 -4.80 -9.55 18.59
N GLY B 378 -4.42 -10.82 18.42
CA GLY B 378 -5.25 -11.76 17.72
C GLY B 378 -5.27 -13.15 18.32
N SER B 379 -6.43 -13.79 18.26
CA SER B 379 -6.52 -15.24 18.09
C SER B 379 -7.90 -15.53 17.51
N VAL B 380 -8.22 -16.82 17.35
CA VAL B 380 -9.13 -17.31 16.31
C VAL B 380 -10.52 -16.65 16.31
N THR B 381 -10.54 -15.32 16.18
CA THR B 381 -11.53 -14.52 15.48
C THR B 381 -10.68 -13.66 14.59
N GLU B 382 -10.87 -13.65 13.27
CA GLU B 382 -9.61 -13.14 12.78
C GLU B 382 -9.43 -11.66 12.50
N ASP B 383 -8.56 -11.34 11.55
CA ASP B 383 -7.87 -10.06 11.38
C ASP B 383 -6.39 -10.42 11.28
N ILE B 384 -5.66 -9.55 10.70
CA ILE B 384 -4.23 -9.52 10.75
C ILE B 384 -3.61 -9.60 12.19
N LEU B 385 -3.25 -10.82 12.60
CA LEU B 385 -2.67 -10.96 13.93
C LEU B 385 -1.26 -10.44 13.90
N THR B 386 -0.77 -10.16 12.71
CA THR B 386 0.56 -9.64 12.53
C THR B 386 0.52 -8.11 12.44
N GLY B 387 1.69 -7.53 12.17
CA GLY B 387 2.05 -6.15 11.88
C GLY B 387 1.37 -4.95 12.52
N PHE B 388 2.04 -3.81 12.33
CA PHE B 388 1.51 -2.52 12.71
C PHE B 388 0.37 -2.14 11.79
N LYS B 389 -0.68 -1.58 12.37
CA LYS B 389 -1.86 -1.11 11.63
C LYS B 389 -1.68 0.36 11.25
N MET B 390 -1.59 0.63 9.96
CA MET B 390 -1.46 1.99 9.45
C MET B 390 -2.83 2.42 8.92
N HIS B 391 -3.43 3.37 9.60
CA HIS B 391 -4.82 3.75 9.35
C HIS B 391 -4.90 4.67 8.14
N ALA B 392 -6.01 4.55 7.42
CA ALA B 392 -6.28 5.33 6.21
C ALA B 392 -6.70 6.73 6.65
N ARG B 393 -5.72 7.55 7.03
CA ARG B 393 -6.03 8.83 7.65
C ARG B 393 -4.84 9.78 7.49
N GLY B 394 -4.77 10.44 6.35
CA GLY B 394 -3.75 11.44 6.09
C GLY B 394 -2.31 11.03 6.30
N TRP B 395 -1.68 10.56 5.24
CA TRP B 395 -0.25 10.25 5.14
C TRP B 395 0.15 8.88 5.65
N ARG B 396 0.51 8.02 4.71
CA ARG B 396 1.07 6.70 4.94
C ARG B 396 2.21 6.54 3.95
N SER B 397 3.34 6.04 4.42
CA SER B 397 4.45 5.72 3.55
C SER B 397 5.21 4.55 4.16
N ILE B 398 5.63 3.64 3.28
CA ILE B 398 6.35 2.43 3.62
C ILE B 398 7.44 2.23 2.58
N TYR B 399 8.63 1.88 3.04
CA TYR B 399 9.72 1.45 2.19
C TYR B 399 10.36 0.22 2.83
N CYS B 400 10.34 -0.91 2.14
CA CYS B 400 10.86 -2.14 2.71
C CYS B 400 12.23 -2.44 2.09
N MET B 401 13.08 -3.03 2.88
CA MET B 401 14.43 -3.29 2.38
C MET B 401 14.47 -4.58 1.59
N PRO B 402 15.42 -4.70 0.64
CA PRO B 402 15.61 -5.90 -0.17
C PRO B 402 16.00 -7.13 0.64
MN MN C . -18.13 4.96 -9.29
MN MN D . -25.14 -12.55 -4.58
N1 UPG E . -24.34 2.18 -8.17
C2 UPG E . -24.38 0.96 -9.02
N3 UPG E . -25.54 0.04 -8.98
C4 UPG E . -26.65 0.33 -8.09
C5 UPG E . -26.62 1.54 -7.24
C6 UPG E . -25.45 2.46 -7.29
O2 UPG E . -23.47 0.72 -9.75
O4 UPG E . -27.61 -0.42 -8.06
C1C UPG E . -23.26 3.00 -8.24
C2C UPG E . -23.58 4.44 -8.70
O2C UPG E . -23.57 4.51 -10.17
C3C UPG E . -22.61 5.18 -8.15
C4C UPG E . -22.31 4.46 -6.71
O4C UPG E . -22.60 3.19 -6.84
O3C UPG E . -21.39 5.19 -8.93
C5C UPG E . -23.11 5.04 -5.56
O5C UPG E . -24.08 6.06 -5.96
PA UPG E . -25.46 6.19 -4.97
O1A UPG E . -26.57 7.06 -5.60
O2A UPG E . -25.01 6.73 -3.63
O3A UPG E . -26.08 4.66 -4.83
PB UPG E . -26.72 3.99 -3.48
O1B UPG E . -27.10 2.55 -3.78
O2B UPG E . -27.98 4.75 -3.11
O3B UPG E . -25.64 4.02 -2.27
C1' UPG E . -25.89 4.86 -1.23
C2' UPG E . -24.74 4.98 -0.25
C3' UPG E . -25.03 6.01 0.79
C4' UPG E . -26.43 6.57 0.72
C5' UPG E . -27.51 5.49 0.53
C6' UPG E . -28.79 6.14 0.11
O2' UPG E . -24.52 3.71 0.42
O3' UPG E . -24.09 7.11 0.63
O4' UPG E . -26.71 7.29 1.91
O5' UPG E . -27.16 4.47 -0.49
O6' UPG E . -28.69 6.60 -1.21
MN MN F . 10.88 -10.30 15.19
MN MN G . -3.97 -6.21 27.72
N1 UPG H . 8.66 -12.69 20.86
C2 UPG H . 8.54 -11.61 21.88
N3 UPG H . 7.93 -11.90 23.20
C4 UPG H . 7.44 -13.25 23.48
C5 UPG H . 7.56 -14.31 22.46
C6 UPG H . 8.17 -14.01 21.14
O2 UPG H . 8.95 -10.52 21.66
O4 UPG H . 6.94 -13.47 24.55
C1C UPG H . 9.19 -12.42 19.66
C2C UPG H . 10.54 -13.11 19.38
O2C UPG H . 11.67 -12.31 19.88
C3C UPG H . 10.55 -13.17 18.04
C4C UPG H . 8.99 -13.39 17.58
O4C UPG H . 8.23 -13.02 18.58
O3C UPG H . 11.03 -11.92 17.52
C5C UPG H . 8.71 -14.86 17.27
O5C UPG H . 9.34 -15.64 18.34
PA UPG H . 8.79 -17.21 18.67
O1A UPG H . 9.38 -17.67 20.02
O2A UPG H . 9.25 -18.11 17.54
O3A UPG H . 7.14 -17.18 18.72
PB UPG H . 6.24 -17.58 20.03
O1B UPG H . 5.82 -16.33 20.77
O2B UPG H . 7.04 -18.48 20.96
O3B UPG H . 4.91 -18.36 19.51
C1' UPG H . 4.95 -19.06 18.36
C2' UPG H . 3.79 -20.02 18.35
C3' UPG H . 4.14 -21.41 17.93
C4' UPG H . 5.32 -22.00 18.66
C5' UPG H . 6.37 -20.97 19.04
C6' UPG H . 7.74 -21.57 18.95
O2' UPG H . 3.19 -20.06 19.67
O3' UPG H . 4.43 -21.39 16.50
O4' UPG H . 4.86 -22.63 19.86
O5' UPG H . 6.29 -19.76 18.20
O6' UPG H . 8.18 -21.95 20.23
#